data_9EWZ
#
_entry.id   9EWZ
#
_cell.length_a   1.00
_cell.length_b   1.00
_cell.length_c   1.00
_cell.angle_alpha   90.00
_cell.angle_beta   90.00
_cell.angle_gamma   90.00
#
_symmetry.space_group_name_H-M   'P 1'
#
loop_
_entity.id
_entity.type
_entity.pdbx_description
1 polymer 'Adenine-specific methyltransferase BrxX'
2 polymer 'DNA (26-MER) with BREX binding site GGTAAG'
3 polymer 'DNA (26-MER) with BREX binding site GGTAAG'
4 non-polymer 'MAGNESIUM ION'
5 non-polymer S-ADENOSYLMETHIONINE
#
loop_
_entity_poly.entity_id
_entity_poly.type
_entity_poly.pdbx_seq_one_letter_code
_entity_poly.pdbx_strand_id
1 'polypeptide(L)'
;MNTNNIKKYAPQARNDFRDAVIQKLTTLGIAADKKGNLQIAEAETIGETVRYGQFDYPLSTLPRRERLVKRAREQGFEVL
VEHCAYTWFNRLCAIRYMELHGYLDHGFRMLSHPETPTAFEVLDHVPEVAEALLPESKAQLVEMKLSGNQDEALYRELLL
GQCHALHHAMPFLFEAVDDEAELLLPDNLTRTDSILRGLVDDIPEEDWEQVEVIGWLYQFYISEKKDAVIGKVVKSEDIP
AATQLFTPNWIVQYLVQNSVGRQWLQTYPDSPLKDKMEYYIEPAEQTPEVQAQLAAITPASIEPESIKVLDPACGSGHIL
TEAYNVLKAIYEERGYRTRDIPQLILENNIFGLDIDDRAAQLSGFAMLMLARQDDRRILGRGVRLNIVSLQESKLDIAEV
WTKLNFHQHMQRGSMGDMFTQGTALANTDSAEYKLLMRTLALFTSAKTLGSLIQVPQEDEAALKAFLERLYRLAVEGDIQ
QKEAAAELIPYIQQAWILAQRYDAVVANPPYMGGKGMNGDLKEFAKKQFPDSKSDLFAMFMQHAFSLLKENGFNAQVNMQ
SWMFLSSYEALRGWLLDNKTFITMAHLGARAFGQISGEVVQTTAWVIKNNHSGFYKPVFFRLVDDNEEHKKNNLLNRMNC
FKNTLQNDFKKIPGSPIAYWATLAFINSFLKLPALGTRAVKGLDTNGSIDVFLRRWPEVSINSFDALGKGNSKWFPIAKG
GELRKWFGNHEYIINYENDGIELRKNKANLRNKDMYFQEGGTWTVVSTTGFSMRYMPKGFLFDQGGSAVFCENNDELSIY
NILACMNSKYINYSASLICPTLNFTTGDVRKFPVIKNNHLEDLAKKAIEISKADWNQFETSWEFSKNKLIEHKGNVAYSY
ASYCNFQDKLYEQLVNIEKNINNIIEEILGFKIETTENSELITLNSNKIYRYGQSETNDTFLNRHRSDTISELISYSVGC
QMGRYSLDREGLVYAHEGNKGFAELAAEGAYKTFPADNDGILPLMDDEWFEDDVTSRVKEFVRTVWGEEHLQENLEFIAE
SLCLYAIKPKKGESALETIRRYLSTQFWKDHMKMYKKRPIYWLFSSGKEKAFECLVYLHRYNDATLSRMRTEYVVPLLAR
YQANIDRLNDQLDEASGGEATRLKRERDSLIKKFSELRSYDDRLRHYADMRISIDLDDGVKVNYGKFGDLLADVKAITGN
APEAI
;
C
2 'polydeoxyribonucleotide'
;(DT)(DC)(DA)(DG)(DT)(DG)(DG)(DT)(DA)(DA)(DG)(DG)(DT)(DC)(DA)(DG)(DG)(DA)(DA)(DT)
(DG)(DA)(DG)(DT)(DC)
;
B
3 'polydeoxyribonucleotide'
;(DG)(DA)(DC)(DT)(DC)(DA)(DT)(DT)(DC)(DC)(DT)(DG)(DA)(DC)(DC)(DT)(DT)(DA)(DC)(DC)
(DA)(DC)(DT)(DG)(DA)
;
A
#
# COMPACT_ATOMS: atom_id res chain seq x y z
N MET A 1 12.58 -14.26 -9.84
CA MET A 1 11.12 -14.30 -9.93
C MET A 1 10.67 -14.15 -11.37
N ASN A 2 9.60 -14.88 -11.73
CA ASN A 2 9.11 -14.86 -13.10
C ASN A 2 8.56 -13.48 -13.47
N THR A 3 7.89 -12.81 -12.55
CA THR A 3 7.21 -11.56 -12.83
C THR A 3 8.11 -10.34 -12.71
N ASN A 4 9.38 -10.52 -12.35
CA ASN A 4 10.26 -9.36 -12.16
C ASN A 4 10.48 -8.61 -13.47
N ASN A 5 10.66 -9.33 -14.57
CA ASN A 5 10.93 -8.68 -15.85
C ASN A 5 9.77 -7.80 -16.29
N ILE A 6 8.55 -8.33 -16.24
CA ILE A 6 7.38 -7.55 -16.61
C ILE A 6 7.18 -6.40 -15.64
N LYS A 7 7.37 -6.65 -14.34
CA LYS A 7 7.20 -5.61 -13.33
C LYS A 7 8.16 -4.46 -13.58
N LYS A 8 9.38 -4.75 -14.04
CA LYS A 8 10.32 -3.69 -14.37
C LYS A 8 9.97 -2.99 -15.68
N TYR A 9 9.50 -3.75 -16.68
CA TYR A 9 9.39 -3.20 -18.02
C TYR A 9 8.11 -2.39 -18.24
N ALA A 10 6.98 -2.84 -17.68
CA ALA A 10 5.69 -2.30 -18.10
C ALA A 10 5.52 -0.80 -17.85
N PRO A 11 5.80 -0.25 -16.65
CA PRO A 11 5.62 1.20 -16.48
C PRO A 11 6.54 2.03 -17.36
N GLN A 12 7.77 1.56 -17.59
CA GLN A 12 8.67 2.25 -18.51
C GLN A 12 8.11 2.23 -19.93
N ALA A 13 7.51 1.11 -20.33
CA ALA A 13 6.87 1.04 -21.62
C ALA A 13 5.72 2.04 -21.72
N ARG A 14 4.94 2.18 -20.64
CA ARG A 14 3.87 3.18 -20.64
C ARG A 14 4.43 4.58 -20.84
N ASN A 15 5.51 4.91 -20.12
CA ASN A 15 6.11 6.23 -20.26
C ASN A 15 6.62 6.46 -21.68
N ASP A 16 7.28 5.46 -22.27
CA ASP A 16 7.82 5.62 -23.62
C ASP A 16 6.71 5.80 -24.65
N PHE A 17 5.65 4.99 -24.55
CA PHE A 17 4.54 5.13 -25.49
C PHE A 17 3.85 6.48 -25.34
N ARG A 18 3.66 6.95 -24.10
CA ARG A 18 3.07 8.26 -23.90
C ARG A 18 3.93 9.37 -24.50
N ASP A 19 5.25 9.28 -24.32
CA ASP A 19 6.13 10.29 -24.89
C ASP A 19 6.07 10.28 -26.41
N ALA A 20 6.07 9.09 -27.01
CA ALA A 20 5.99 9.00 -28.47
C ALA A 20 4.67 9.59 -28.99
N VAL A 21 3.56 9.27 -28.32
CA VAL A 21 2.27 9.79 -28.74
C VAL A 21 2.23 11.31 -28.62
N ILE A 22 2.79 11.84 -27.53
CA ILE A 22 2.81 13.29 -27.33
C ILE A 22 3.63 13.97 -28.42
N GLN A 23 4.79 13.40 -28.76
CA GLN A 23 5.61 13.97 -29.82
C GLN A 23 4.87 13.95 -31.15
N LYS A 24 4.20 12.83 -31.46
CA LYS A 24 3.46 12.75 -32.72
C LYS A 24 2.31 13.75 -32.75
N LEU A 25 1.63 13.94 -31.63
CA LEU A 25 0.55 14.93 -31.57
C LEU A 25 1.08 16.34 -31.77
N THR A 26 2.22 16.66 -31.16
CA THR A 26 2.82 17.97 -31.37
C THR A 26 3.22 18.17 -32.83
N THR A 27 3.64 17.10 -33.50
CA THR A 27 3.93 17.21 -34.93
C THR A 27 2.67 17.54 -35.73
N LEU A 28 1.50 17.16 -35.24
CA LEU A 28 0.24 17.39 -35.93
C LEU A 28 -0.42 18.71 -35.56
N GLY A 29 0.22 19.53 -34.72
CA GLY A 29 -0.35 20.79 -34.33
C GLY A 29 -1.31 20.74 -33.16
N ILE A 30 -1.34 19.63 -32.42
CA ILE A 30 -2.18 19.49 -31.23
C ILE A 30 -1.26 19.42 -30.03
N ALA A 31 -1.52 20.30 -29.04
CA ALA A 31 -0.68 20.36 -27.86
C ALA A 31 -1.49 20.96 -26.72
N ALA A 32 -0.95 20.81 -25.51
CA ALA A 32 -1.55 21.38 -24.30
C ALA A 32 -0.49 22.20 -23.58
N ASP A 33 -0.90 23.32 -23.01
CA ASP A 33 0.02 24.21 -22.32
C ASP A 33 0.30 23.67 -20.92
N LYS A 34 0.97 24.49 -20.09
CA LYS A 34 1.25 24.08 -18.72
C LYS A 34 -0.03 23.87 -17.93
N LYS A 35 -1.01 24.76 -18.11
CA LYS A 35 -2.28 24.66 -17.40
C LYS A 35 -3.18 23.56 -17.94
N GLY A 36 -2.88 23.01 -19.12
CA GLY A 36 -3.70 21.99 -19.73
C GLY A 36 -4.69 22.47 -20.76
N ASN A 37 -4.62 23.74 -21.15
CA ASN A 37 -5.53 24.28 -22.15
C ASN A 37 -5.14 23.82 -23.55
N LEU A 38 -6.16 23.63 -24.40
CA LEU A 38 -5.92 23.21 -25.77
C LEU A 38 -5.23 24.31 -26.57
N GLN A 39 -4.36 23.89 -27.49
CA GLN A 39 -3.62 24.79 -28.36
C GLN A 39 -3.65 24.28 -29.80
N ILE A 40 -4.85 23.94 -30.28
CA ILE A 40 -5.00 23.46 -31.65
C ILE A 40 -4.58 24.55 -32.62
N ALA A 41 -3.65 24.21 -33.50
CA ALA A 41 -3.14 25.17 -34.48
C ALA A 41 -4.07 25.25 -35.69
N GLU A 42 -3.76 26.15 -36.60
CA GLU A 42 -4.55 26.35 -37.81
C GLU A 42 -3.87 25.67 -38.99
N ALA A 43 -4.65 24.91 -39.76
CA ALA A 43 -4.13 24.17 -40.89
C ALA A 43 -4.16 25.03 -42.14
N GLU A 44 -3.01 25.16 -42.80
CA GLU A 44 -2.90 25.93 -44.04
C GLU A 44 -2.71 24.96 -45.19
N THR A 45 -3.61 25.00 -46.17
CA THR A 45 -3.58 24.08 -47.30
C THR A 45 -3.03 24.80 -48.52
N ILE A 46 -1.80 24.45 -48.92
CA ILE A 46 -1.17 25.01 -50.11
C ILE A 46 -0.50 23.89 -50.88
N GLY A 47 -0.63 23.92 -52.20
CA GLY A 47 0.02 22.95 -53.06
C GLY A 47 -0.38 21.52 -52.73
N GLU A 48 -1.69 21.29 -52.57
CA GLU A 48 -2.24 20.02 -52.07
C GLU A 48 -1.39 19.45 -50.95
N THR A 49 -1.04 20.31 -50.00
CA THR A 49 -0.24 19.93 -48.84
C THR A 49 -0.68 20.77 -47.65
N VAL A 50 -0.96 20.10 -46.54
CA VAL A 50 -1.40 20.79 -45.32
C VAL A 50 -0.19 21.09 -44.47
N ARG A 51 -0.23 22.21 -43.76
CA ARG A 51 0.84 22.61 -42.86
C ARG A 51 0.22 23.03 -41.53
N TYR A 52 0.81 22.57 -40.44
CA TYR A 52 0.39 22.93 -39.08
C TYR A 52 1.58 23.60 -38.42
N GLY A 53 1.71 24.92 -38.62
CA GLY A 53 2.85 25.64 -38.10
C GLY A 53 4.09 25.41 -38.92
N GLN A 54 5.02 24.62 -38.40
CA GLN A 54 6.26 24.31 -39.09
C GLN A 54 6.20 22.99 -39.86
N PHE A 55 5.44 22.02 -39.37
CA PHE A 55 5.40 20.69 -39.98
C PHE A 55 4.37 20.65 -41.10
N ASP A 56 4.61 19.75 -42.06
CA ASP A 56 3.77 19.61 -43.23
C ASP A 56 3.44 18.14 -43.47
N TYR A 57 2.25 17.90 -43.99
CA TYR A 57 1.71 16.58 -44.26
C TYR A 57 0.98 16.61 -45.60
N PRO A 58 0.79 15.46 -46.24
CA PRO A 58 -0.04 15.41 -47.44
C PRO A 58 -1.50 15.73 -47.12
N LEU A 59 -2.20 16.23 -48.13
CA LEU A 59 -3.59 16.63 -47.94
C LEU A 59 -4.49 15.47 -47.55
N SER A 60 -4.11 14.25 -47.94
CA SER A 60 -4.96 13.08 -47.69
C SER A 60 -5.18 12.86 -46.19
N THR A 61 -4.24 13.30 -45.36
CA THR A 61 -4.37 13.12 -43.91
C THR A 61 -5.20 14.21 -43.25
N LEU A 62 -5.69 15.19 -44.02
CA LEU A 62 -6.42 16.30 -43.42
C LEU A 62 -7.70 15.87 -42.70
N PRO A 63 -8.58 15.04 -43.28
CA PRO A 63 -9.83 14.71 -42.56
C PRO A 63 -9.59 13.94 -41.28
N ARG A 64 -8.71 12.94 -41.32
CA ARG A 64 -8.52 12.06 -40.16
C ARG A 64 -8.11 12.86 -38.92
N ARG A 65 -7.14 13.76 -39.08
CA ARG A 65 -6.70 14.58 -37.96
C ARG A 65 -7.87 15.33 -37.33
N GLU A 66 -8.83 15.76 -38.15
CA GLU A 66 -9.98 16.49 -37.63
C GLU A 66 -10.68 15.67 -36.54
N ARG A 67 -10.86 14.37 -36.78
CA ARG A 67 -11.49 13.53 -35.75
C ARG A 67 -10.68 13.56 -34.47
N LEU A 68 -9.35 13.46 -34.57
CA LEU A 68 -8.51 13.61 -33.39
C LEU A 68 -8.80 14.92 -32.68
N VAL A 69 -8.91 16.01 -33.44
CA VAL A 69 -9.23 17.30 -32.84
C VAL A 69 -10.52 17.22 -32.07
N LYS A 70 -11.53 16.55 -32.65
CA LYS A 70 -12.79 16.37 -31.93
C LYS A 70 -12.58 15.61 -30.64
N ARG A 71 -11.77 14.54 -30.70
CA ARG A 71 -11.48 13.79 -29.48
C ARG A 71 -10.69 14.61 -28.49
N ALA A 72 -9.99 15.65 -28.94
CA ALA A 72 -9.30 16.55 -28.03
C ALA A 72 -10.23 17.56 -27.38
N ARG A 73 -11.46 17.71 -27.87
CA ARG A 73 -12.40 18.67 -27.32
C ARG A 73 -13.53 18.01 -26.53
N GLU A 74 -14.15 16.96 -27.08
CA GLU A 74 -15.16 16.24 -26.32
C GLU A 74 -14.56 15.51 -25.13
N GLN A 75 -13.28 15.20 -25.17
CA GLN A 75 -12.56 14.60 -24.06
C GLN A 75 -11.24 15.34 -23.85
N GLY A 76 -10.59 15.06 -22.73
CA GLY A 76 -9.36 15.75 -22.41
C GLY A 76 -8.20 15.33 -23.29
N PHE A 77 -7.19 16.20 -23.32
CA PHE A 77 -5.94 15.88 -24.03
C PHE A 77 -5.24 14.69 -23.40
N GLU A 78 -5.19 14.65 -22.06
CA GLU A 78 -4.54 13.55 -21.37
C GLU A 78 -5.25 12.23 -21.62
N VAL A 79 -6.59 12.26 -21.67
CA VAL A 79 -7.37 11.06 -21.95
C VAL A 79 -7.01 10.51 -23.33
N LEU A 80 -6.94 11.39 -24.33
CA LEU A 80 -6.59 10.97 -25.68
C LEU A 80 -5.19 10.37 -25.71
N VAL A 81 -4.23 11.02 -25.05
CA VAL A 81 -2.86 10.51 -25.04
C VAL A 81 -2.80 9.12 -24.42
N GLU A 82 -3.44 8.97 -23.26
CA GLU A 82 -3.42 7.68 -22.57
C GLU A 82 -4.09 6.60 -23.40
N HIS A 83 -5.24 6.91 -24.01
CA HIS A 83 -5.97 5.93 -24.80
C HIS A 83 -5.13 5.45 -25.98
N CYS A 84 -4.54 6.38 -26.74
CA CYS A 84 -3.74 5.98 -27.89
C CYS A 84 -2.51 5.18 -27.46
N ALA A 85 -1.86 5.61 -26.37
CA ALA A 85 -0.67 4.90 -25.90
C ALA A 85 -0.99 3.45 -25.54
N TYR A 86 -2.00 3.24 -24.70
CA TYR A 86 -2.27 1.86 -24.31
C TYR A 86 -2.89 1.04 -25.43
N THR A 87 -3.57 1.69 -26.39
CA THR A 87 -4.07 0.96 -27.55
C THR A 87 -2.93 0.38 -28.37
N TRP A 88 -1.92 1.21 -28.66
CA TRP A 88 -0.78 0.70 -29.43
C TRP A 88 0.00 -0.33 -28.63
N PHE A 89 0.14 -0.12 -27.31
CA PHE A 89 0.84 -1.09 -26.48
C PHE A 89 0.15 -2.45 -26.52
N ASN A 90 -1.19 -2.45 -26.38
CA ASN A 90 -1.94 -3.70 -26.42
C ASN A 90 -1.85 -4.37 -27.78
N ARG A 91 -1.92 -3.59 -28.86
CA ARG A 91 -1.81 -4.19 -30.19
C ARG A 91 -0.45 -4.87 -30.37
N LEU A 92 0.62 -4.20 -29.96
CA LEU A 92 1.95 -4.79 -30.11
C LEU A 92 2.10 -6.04 -29.24
N CYS A 93 1.59 -6.00 -28.01
CA CYS A 93 1.67 -7.17 -27.15
C CYS A 93 0.88 -8.35 -27.74
N ALA A 94 -0.30 -8.08 -28.28
CA ALA A 94 -1.09 -9.14 -28.91
C ALA A 94 -0.37 -9.74 -30.10
N ILE A 95 0.25 -8.91 -30.94
CA ILE A 95 0.98 -9.42 -32.09
C ILE A 95 2.16 -10.27 -31.63
N ARG A 96 2.87 -9.82 -30.60
CA ARG A 96 3.99 -10.60 -30.08
C ARG A 96 3.53 -11.96 -29.56
N TYR A 97 2.44 -11.97 -28.79
CA TYR A 97 1.92 -13.23 -28.27
C TYR A 97 1.51 -14.18 -29.39
N MET A 98 0.84 -13.65 -30.41
CA MET A 98 0.38 -14.51 -31.50
C MET A 98 1.55 -15.01 -32.34
N GLU A 99 2.62 -14.22 -32.49
CA GLU A 99 3.76 -14.67 -33.27
C GLU A 99 4.59 -15.70 -32.51
N LEU A 100 4.61 -15.63 -31.17
CA LEU A 100 5.36 -16.61 -30.41
C LEU A 100 4.65 -17.96 -30.30
N HIS A 101 3.36 -18.02 -30.64
CA HIS A 101 2.61 -19.27 -30.62
C HIS A 101 2.32 -19.82 -32.01
N GLY A 102 2.75 -19.13 -33.06
CA GLY A 102 2.47 -19.56 -34.41
C GLY A 102 1.01 -19.51 -34.80
N TYR A 103 0.30 -18.47 -34.36
CA TYR A 103 -1.10 -18.29 -34.71
C TYR A 103 -1.31 -17.42 -35.95
N LEU A 104 -0.24 -16.94 -36.56
CA LEU A 104 -0.33 -16.15 -37.77
C LEU A 104 -0.28 -17.07 -38.99
N ASP A 105 -1.08 -16.73 -40.00
CA ASP A 105 -1.26 -17.62 -41.15
C ASP A 105 0.03 -17.80 -41.93
N HIS A 106 0.78 -16.71 -42.15
CA HIS A 106 2.00 -16.81 -42.95
C HIS A 106 3.10 -17.58 -42.23
N GLY A 107 3.05 -17.67 -40.90
CA GLY A 107 3.99 -18.48 -40.17
C GLY A 107 5.34 -17.86 -39.91
N PHE A 108 5.53 -16.59 -40.23
CA PHE A 108 6.79 -15.90 -39.99
C PHE A 108 6.63 -14.90 -38.85
N ARG A 109 7.72 -14.65 -38.13
CA ARG A 109 7.70 -13.69 -37.05
C ARG A 109 7.68 -12.26 -37.60
N MET A 110 7.02 -11.37 -36.88
CA MET A 110 6.88 -9.98 -37.27
C MET A 110 7.81 -9.06 -36.50
N LEU A 111 7.82 -9.15 -35.18
CA LEU A 111 8.58 -8.21 -34.34
C LEU A 111 9.99 -8.67 -34.05
N SER A 112 10.37 -9.89 -34.43
CA SER A 112 11.69 -10.42 -34.10
C SER A 112 12.09 -11.44 -35.14
N HIS A 113 13.30 -11.98 -34.96
CA HIS A 113 13.84 -13.02 -35.83
C HIS A 113 14.43 -14.11 -34.95
N PRO A 114 14.10 -15.38 -35.20
CA PRO A 114 14.71 -16.45 -34.42
C PRO A 114 16.20 -16.53 -34.66
N GLU A 115 16.94 -16.93 -33.61
CA GLU A 115 18.40 -17.08 -33.60
C GLU A 115 19.13 -15.96 -34.32
N THR A 116 18.60 -14.74 -34.26
CA THR A 116 19.28 -13.57 -34.82
C THR A 116 18.78 -12.31 -34.11
N PRO A 117 19.53 -11.80 -33.15
CA PRO A 117 19.09 -10.60 -32.42
C PRO A 117 19.02 -9.39 -33.33
N THR A 118 18.08 -8.49 -32.99
CA THR A 118 17.88 -7.21 -33.69
C THR A 118 17.68 -7.42 -35.19
N ALA A 119 16.66 -8.22 -35.51
CA ALA A 119 16.32 -8.49 -36.91
C ALA A 119 14.84 -8.83 -36.99
N PHE A 120 14.30 -8.71 -38.20
CA PHE A 120 12.90 -9.01 -38.47
C PHE A 120 12.83 -10.08 -39.55
N GLU A 121 12.19 -11.21 -39.24
CA GLU A 121 12.13 -12.32 -40.19
C GLU A 121 11.22 -11.99 -41.36
N VAL A 122 10.20 -11.15 -41.15
CA VAL A 122 9.24 -10.84 -42.20
C VAL A 122 9.92 -10.19 -43.39
N LEU A 123 10.99 -9.43 -43.16
CA LEU A 123 11.69 -8.78 -44.26
C LEU A 123 12.47 -9.76 -45.13
N ASP A 124 12.68 -10.99 -44.65
CA ASP A 124 13.38 -12.00 -45.44
C ASP A 124 12.46 -12.83 -46.32
N HIS A 125 11.15 -12.67 -46.18
CA HIS A 125 10.15 -13.41 -46.95
C HIS A 125 9.08 -12.45 -47.48
N VAL A 126 9.54 -11.36 -48.09
CA VAL A 126 8.61 -10.31 -48.52
C VAL A 126 7.53 -10.82 -49.47
N PRO A 127 7.83 -11.59 -50.52
CA PRO A 127 6.76 -12.01 -51.43
C PRO A 127 5.67 -12.84 -50.76
N GLU A 128 6.03 -13.79 -49.90
CA GLU A 128 5.04 -14.65 -49.28
C GLU A 128 4.15 -13.86 -48.32
N VAL A 129 4.76 -13.04 -47.46
CA VAL A 129 3.98 -12.26 -46.50
C VAL A 129 3.11 -11.24 -47.23
N ALA A 130 3.64 -10.63 -48.30
CA ALA A 130 2.86 -9.68 -49.07
C ALA A 130 1.66 -10.36 -49.73
N GLU A 131 1.86 -11.56 -50.27
CA GLU A 131 0.74 -12.31 -50.85
C GLU A 131 -0.29 -12.64 -49.78
N ALA A 132 0.16 -12.99 -48.58
CA ALA A 132 -0.77 -13.32 -47.50
C ALA A 132 -1.55 -12.09 -47.05
N LEU A 133 -0.91 -10.92 -46.99
CA LEU A 133 -1.51 -9.74 -46.38
C LEU A 133 -1.99 -8.70 -47.40
N LEU A 134 -1.16 -8.37 -48.39
CA LEU A 134 -1.47 -7.31 -49.35
C LEU A 134 -1.34 -7.84 -50.77
N PRO A 135 -2.27 -8.69 -51.20
CA PRO A 135 -2.16 -9.28 -52.55
C PRO A 135 -2.20 -8.26 -53.66
N GLU A 136 -2.95 -7.17 -53.49
CA GLU A 136 -3.18 -6.23 -54.59
C GLU A 136 -1.96 -5.37 -54.90
N SER A 137 -1.02 -5.24 -53.96
CA SER A 137 0.14 -4.37 -54.16
C SER A 137 1.41 -5.06 -53.69
N LYS A 138 1.54 -6.35 -53.97
CA LYS A 138 2.73 -7.07 -53.52
C LYS A 138 3.94 -6.71 -54.36
N ALA A 139 3.77 -6.61 -55.68
CA ALA A 139 4.91 -6.43 -56.58
C ALA A 139 5.69 -5.17 -56.24
N GLN A 140 4.98 -4.06 -56.02
CA GLN A 140 5.62 -2.82 -55.60
C GLN A 140 6.48 -3.05 -54.36
N LEU A 141 5.92 -3.76 -53.38
CA LEU A 141 6.69 -4.07 -52.18
C LEU A 141 7.96 -4.81 -52.53
N VAL A 142 7.86 -5.80 -53.42
CA VAL A 142 9.06 -6.52 -53.87
C VAL A 142 10.06 -5.55 -54.46
N GLU A 143 9.58 -4.60 -55.27
CA GLU A 143 10.47 -3.58 -55.82
C GLU A 143 11.18 -2.83 -54.71
N MET A 144 10.45 -2.47 -53.66
CA MET A 144 11.09 -1.81 -52.51
C MET A 144 12.16 -2.70 -51.91
N LYS A 145 11.87 -3.99 -51.76
CA LYS A 145 12.88 -4.92 -51.27
C LYS A 145 14.08 -4.99 -52.20
N LEU A 146 13.86 -4.78 -53.50
CA LEU A 146 14.96 -4.76 -54.45
C LEU A 146 15.74 -3.46 -54.38
N SER A 147 15.15 -2.39 -53.84
CA SER A 147 15.83 -1.11 -53.79
C SER A 147 17.00 -1.11 -52.83
N GLY A 148 16.94 -1.93 -51.78
CA GLY A 148 17.95 -1.95 -50.75
C GLY A 148 17.76 -0.89 -49.69
N ASN A 149 17.23 0.27 -50.07
CA ASN A 149 16.93 1.35 -49.15
C ASN A 149 15.45 1.26 -48.75
N GLN A 150 14.96 2.30 -48.07
CA GLN A 150 13.56 2.45 -47.66
C GLN A 150 12.99 1.16 -47.08
N ASP A 151 13.74 0.54 -46.17
CA ASP A 151 13.23 -0.62 -45.46
C ASP A 151 12.24 -0.23 -44.37
N GLU A 152 12.37 0.98 -43.81
CA GLU A 152 11.44 1.42 -42.78
C GLU A 152 10.02 1.52 -43.31
N ALA A 153 9.84 2.09 -44.51
CA ALA A 153 8.52 2.20 -45.09
C ALA A 153 7.94 0.82 -45.38
N LEU A 154 8.76 -0.09 -45.89
CA LEU A 154 8.30 -1.45 -46.18
C LEU A 154 7.82 -2.14 -44.90
N TYR A 155 8.61 -2.03 -43.83
CA TYR A 155 8.21 -2.67 -42.57
C TYR A 155 6.96 -2.03 -42.00
N ARG A 156 6.84 -0.70 -42.11
CA ARG A 156 5.63 -0.03 -41.63
C ARG A 156 4.40 -0.51 -42.39
N GLU A 157 4.50 -0.62 -43.71
CA GLU A 157 3.37 -1.10 -44.50
C GLU A 157 3.02 -2.54 -44.14
N LEU A 158 4.02 -3.39 -43.93
CA LEU A 158 3.75 -4.77 -43.57
C LEU A 158 3.06 -4.86 -42.21
N LEU A 159 3.52 -4.07 -41.23
CA LEU A 159 2.90 -4.09 -39.91
C LEU A 159 1.46 -3.59 -39.96
N LEU A 160 1.22 -2.51 -40.70
CA LEU A 160 -0.15 -2.00 -40.83
C LEU A 160 -1.05 -3.01 -41.53
N GLY A 161 -0.52 -3.69 -42.56
CA GLY A 161 -1.30 -4.73 -43.21
C GLY A 161 -1.62 -5.89 -42.28
N GLN A 162 -0.68 -6.26 -41.43
CA GLN A 162 -0.94 -7.31 -40.44
C GLN A 162 -2.05 -6.88 -39.47
N CYS A 163 -2.00 -5.63 -39.02
CA CYS A 163 -3.07 -5.14 -38.13
C CYS A 163 -4.42 -5.15 -38.84
N HIS A 164 -4.47 -4.68 -40.09
CA HIS A 164 -5.72 -4.66 -40.83
C HIS A 164 -6.26 -6.06 -41.05
N ALA A 165 -5.37 -7.03 -41.30
CA ALA A 165 -5.81 -8.41 -41.42
C ALA A 165 -6.36 -8.93 -40.09
N LEU A 166 -5.73 -8.55 -38.97
CA LEU A 166 -6.20 -8.97 -37.67
C LEU A 166 -7.48 -8.26 -37.24
N HIS A 167 -7.90 -7.22 -37.96
CA HIS A 167 -9.13 -6.52 -37.58
C HIS A 167 -10.34 -7.44 -37.58
N HIS A 168 -10.46 -8.32 -38.57
CA HIS A 168 -11.66 -9.12 -38.72
C HIS A 168 -11.89 -10.03 -37.52
N ALA A 169 -10.82 -10.66 -37.01
CA ALA A 169 -10.98 -11.57 -35.89
C ALA A 169 -11.30 -10.82 -34.59
N MET A 170 -10.64 -9.67 -34.38
CA MET A 170 -10.75 -8.93 -33.12
C MET A 170 -11.13 -7.49 -33.41
N PRO A 171 -12.41 -7.22 -33.69
CA PRO A 171 -12.84 -5.84 -33.93
C PRO A 171 -12.66 -4.92 -32.74
N PHE A 172 -12.58 -5.47 -31.53
CA PHE A 172 -12.46 -4.67 -30.32
C PHE A 172 -11.06 -4.13 -30.09
N LEU A 173 -10.06 -4.59 -30.84
CA LEU A 173 -8.68 -4.16 -30.64
C LEU A 173 -8.04 -3.60 -31.89
N PHE A 174 -8.39 -4.08 -33.07
CA PHE A 174 -7.79 -3.64 -34.32
C PHE A 174 -8.84 -2.99 -35.21
N GLU A 175 -8.42 -2.00 -35.99
CA GLU A 175 -9.26 -1.33 -36.97
C GLU A 175 -8.86 -1.77 -38.38
N ALA A 176 -9.69 -1.43 -39.35
CA ALA A 176 -9.49 -1.87 -40.72
C ALA A 176 -8.96 -0.76 -41.63
N VAL A 177 -9.69 0.36 -41.75
CA VAL A 177 -9.33 1.44 -42.64
C VAL A 177 -9.66 2.78 -41.99
N ASP A 178 -9.00 3.83 -42.49
CA ASP A 178 -9.23 5.19 -42.04
C ASP A 178 -9.06 5.30 -40.52
N ASP A 179 -8.00 4.70 -40.01
CA ASP A 179 -7.72 4.69 -38.58
C ASP A 179 -6.90 5.91 -38.21
N GLU A 180 -7.38 6.69 -37.24
CA GLU A 180 -6.66 7.88 -36.81
C GLU A 180 -5.36 7.50 -36.12
N ALA A 181 -5.36 6.41 -35.37
CA ALA A 181 -4.19 6.01 -34.59
C ALA A 181 -2.98 5.72 -35.48
N GLU A 182 -3.19 5.41 -36.76
CA GLU A 182 -2.07 5.20 -37.66
C GLU A 182 -1.22 6.45 -37.82
N LEU A 183 -1.83 7.63 -37.65
CA LEU A 183 -1.07 8.87 -37.66
C LEU A 183 -0.14 8.99 -36.45
N LEU A 184 -0.47 8.33 -35.35
CA LEU A 184 0.29 8.44 -34.11
C LEU A 184 1.30 7.30 -33.93
N LEU A 185 1.43 6.41 -34.91
CA LEU A 185 2.42 5.35 -34.82
C LEU A 185 3.81 5.94 -34.99
N PRO A 186 4.73 5.71 -34.06
CA PRO A 186 6.06 6.31 -34.16
C PRO A 186 6.83 5.79 -35.36
N ASP A 187 7.73 6.62 -35.87
CA ASP A 187 8.60 6.23 -36.97
C ASP A 187 9.80 5.45 -36.41
N ASN A 188 10.80 5.23 -37.27
CA ASN A 188 12.05 4.55 -36.91
C ASN A 188 11.80 3.29 -36.10
N LEU A 189 10.84 2.49 -36.56
CA LEU A 189 10.52 1.24 -35.87
C LEU A 189 11.66 0.24 -35.95
N THR A 190 12.35 0.19 -37.09
CA THR A 190 13.40 -0.80 -37.31
C THR A 190 14.75 -0.40 -36.74
N ARG A 191 14.89 0.81 -36.22
CA ARG A 191 16.16 1.26 -35.67
C ARG A 191 16.38 0.67 -34.27
N THR A 192 17.54 0.95 -33.70
CA THR A 192 17.94 0.36 -32.42
C THR A 192 17.44 1.14 -31.22
N ASP A 193 16.78 2.27 -31.42
CA ASP A 193 16.24 3.07 -30.32
C ASP A 193 14.72 3.15 -30.37
N SER A 194 14.06 2.19 -30.99
CA SER A 194 12.61 2.20 -31.11
C SER A 194 11.96 1.64 -29.85
N ILE A 195 10.64 1.78 -29.77
CA ILE A 195 9.88 1.23 -28.66
C ILE A 195 9.74 -0.28 -28.78
N LEU A 196 9.98 -0.85 -29.96
CA LEU A 196 9.85 -2.29 -30.13
C LEU A 196 11.01 -3.05 -29.49
N ARG A 197 12.18 -2.41 -29.39
CA ARG A 197 13.35 -3.09 -28.86
C ARG A 197 13.15 -3.50 -27.40
N GLY A 198 12.58 -2.61 -26.59
CA GLY A 198 12.32 -2.96 -25.21
C GLY A 198 11.37 -4.14 -25.06
N LEU A 199 10.29 -4.13 -25.84
CA LEU A 199 9.33 -5.23 -25.80
C LEU A 199 9.98 -6.54 -26.23
N VAL A 200 10.80 -6.50 -27.28
CA VAL A 200 11.35 -7.73 -27.84
C VAL A 200 12.41 -8.31 -26.92
N ASP A 201 13.36 -7.49 -26.46
CA ASP A 201 14.51 -8.00 -25.73
C ASP A 201 14.58 -7.45 -24.30
N ASP A 202 13.42 -7.26 -23.67
CA ASP A 202 13.36 -7.01 -22.24
C ASP A 202 12.57 -8.06 -21.48
N ILE A 203 11.81 -8.90 -22.17
CA ILE A 203 11.05 -9.98 -21.57
C ILE A 203 11.48 -11.28 -22.25
N PRO A 204 11.94 -12.29 -21.50
CA PRO A 204 12.27 -13.57 -22.12
C PRO A 204 11.06 -14.18 -22.80
N GLU A 205 11.30 -14.84 -23.93
CA GLU A 205 10.21 -15.44 -24.69
C GLU A 205 9.57 -16.63 -23.99
N GLU A 206 10.17 -17.13 -22.92
CA GLU A 206 9.56 -18.20 -22.14
C GLU A 206 8.41 -17.70 -21.28
N ASP A 207 8.27 -16.39 -21.10
CA ASP A 207 7.19 -15.83 -20.29
C ASP A 207 5.88 -15.70 -21.06
N TRP A 208 5.89 -15.92 -22.37
CA TRP A 208 4.69 -15.80 -23.20
C TRP A 208 4.00 -17.13 -23.44
N GLU A 209 4.41 -18.19 -22.75
CA GLU A 209 3.89 -19.52 -23.05
C GLU A 209 2.47 -19.72 -22.54
N GLN A 210 2.01 -18.90 -21.60
CA GLN A 210 0.67 -19.04 -21.04
C GLN A 210 -0.07 -17.72 -21.13
N VAL A 211 -1.41 -17.79 -21.07
CA VAL A 211 -2.24 -16.60 -21.11
C VAL A 211 -2.04 -15.74 -19.88
N GLU A 212 -1.53 -16.33 -18.78
CA GLU A 212 -1.39 -15.61 -17.53
C GLU A 212 -0.56 -14.34 -17.68
N VAL A 213 0.40 -14.33 -18.61
CA VAL A 213 1.26 -13.16 -18.80
C VAL A 213 0.40 -11.92 -19.05
N ILE A 214 -0.69 -12.07 -19.81
CA ILE A 214 -1.56 -10.93 -20.11
C ILE A 214 -1.99 -10.27 -18.82
N GLY A 215 -2.47 -11.07 -17.87
CA GLY A 215 -2.91 -10.51 -16.59
C GLY A 215 -1.83 -9.69 -15.93
N TRP A 216 -0.59 -10.19 -15.93
CA TRP A 216 0.49 -9.45 -15.29
C TRP A 216 0.68 -8.10 -15.96
N LEU A 217 0.64 -8.06 -17.29
CA LEU A 217 0.72 -6.78 -17.99
C LEU A 217 -0.38 -5.86 -17.48
N TYR A 218 -1.60 -6.39 -17.40
CA TYR A 218 -2.75 -5.60 -16.98
C TYR A 218 -2.52 -4.95 -15.62
N GLN A 219 -1.71 -5.57 -14.76
CA GLN A 219 -1.46 -4.96 -13.46
C GLN A 219 -0.23 -4.06 -13.46
N PHE A 220 0.79 -4.37 -14.26
CA PHE A 220 2.05 -3.67 -14.11
C PHE A 220 2.17 -2.45 -15.02
N TYR A 221 1.26 -2.29 -15.98
CA TYR A 221 1.31 -1.15 -16.88
C TYR A 221 0.94 0.14 -16.15
N ILE A 222 0.14 0.07 -15.09
CA ILE A 222 -0.50 1.22 -14.49
C ILE A 222 -0.05 1.43 -13.04
N SER A 223 0.97 0.70 -12.58
CA SER A 223 1.34 0.75 -11.17
C SER A 223 1.84 2.13 -10.75
N GLU A 224 2.64 2.79 -11.60
CA GLU A 224 3.16 4.11 -11.26
C GLU A 224 2.03 5.13 -11.12
N LYS A 225 1.05 5.08 -12.03
CA LYS A 225 -0.09 5.99 -11.92
C LYS A 225 -0.89 5.70 -10.66
N LYS A 226 -1.02 4.42 -10.29
CA LYS A 226 -1.70 4.08 -9.05
C LYS A 226 -0.98 4.68 -7.84
N ASP A 227 0.35 4.57 -7.81
CA ASP A 227 1.10 5.22 -6.74
C ASP A 227 0.91 6.72 -6.75
N ALA A 228 0.75 7.31 -7.94
CA ALA A 228 0.55 8.75 -8.04
C ALA A 228 -0.81 9.18 -7.48
N VAL A 229 -1.85 8.38 -7.72
CA VAL A 229 -3.22 8.82 -7.41
C VAL A 229 -3.76 8.29 -6.09
N ILE A 230 -3.12 7.29 -5.49
CA ILE A 230 -3.67 6.68 -4.29
C ILE A 230 -3.46 7.61 -3.09
N GLY A 231 -4.38 7.53 -2.12
CA GLY A 231 -4.25 8.24 -0.87
C GLY A 231 -5.11 9.48 -0.74
N LYS A 232 -5.74 9.94 -1.81
CA LYS A 232 -6.54 11.16 -1.78
C LYS A 232 -7.83 10.91 -2.56
N VAL A 233 -8.59 11.97 -2.80
CA VAL A 233 -9.83 11.87 -3.56
C VAL A 233 -9.48 11.52 -5.00
N VAL A 234 -10.20 10.54 -5.55
CA VAL A 234 -9.91 10.01 -6.88
C VAL A 234 -10.94 10.57 -7.86
N LYS A 235 -10.45 11.15 -8.95
CA LYS A 235 -11.33 11.62 -10.01
C LYS A 235 -11.87 10.43 -10.80
N SER A 236 -12.92 10.70 -11.60
CA SER A 236 -13.55 9.64 -12.37
C SER A 236 -12.58 9.04 -13.38
N GLU A 237 -11.73 9.86 -13.99
CA GLU A 237 -10.77 9.36 -14.96
C GLU A 237 -9.72 8.46 -14.31
N ASP A 238 -9.44 8.67 -13.03
CA ASP A 238 -8.42 7.90 -12.32
C ASP A 238 -8.98 6.74 -11.52
N ILE A 239 -10.29 6.49 -11.60
CA ILE A 239 -10.88 5.38 -10.85
C ILE A 239 -10.28 4.03 -11.24
N PRO A 240 -10.18 3.67 -12.52
CA PRO A 240 -9.55 2.38 -12.85
C PRO A 240 -8.10 2.27 -12.39
N ALA A 241 -7.34 3.36 -12.42
CA ALA A 241 -5.93 3.29 -12.07
C ALA A 241 -5.73 2.86 -10.62
N ALA A 242 -6.68 3.18 -9.74
CA ALA A 242 -6.56 2.89 -8.33
C ALA A 242 -7.15 1.55 -7.93
N THR A 243 -7.75 0.81 -8.86
CA THR A 243 -8.48 -0.41 -8.50
C THR A 243 -8.22 -1.56 -9.48
N GLN A 244 -7.06 -1.57 -10.13
CA GLN A 244 -6.75 -2.60 -11.12
C GLN A 244 -5.65 -3.51 -10.57
N LEU A 245 -6.05 -4.72 -10.16
CA LEU A 245 -5.15 -5.73 -9.65
C LEU A 245 -5.45 -7.06 -10.33
N PHE A 246 -4.55 -8.03 -10.12
CA PHE A 246 -4.68 -9.36 -10.70
C PHE A 246 -4.96 -10.37 -9.60
N THR A 247 -6.05 -11.12 -9.74
CA THR A 247 -6.51 -12.04 -8.70
C THR A 247 -5.75 -13.36 -8.78
N PRO A 248 -5.32 -13.92 -7.64
CA PRO A 248 -4.67 -15.23 -7.65
C PRO A 248 -5.58 -16.31 -8.20
N ASN A 249 -4.97 -17.29 -8.86
CA ASN A 249 -5.74 -18.29 -9.61
C ASN A 249 -6.54 -19.20 -8.69
N TRP A 250 -5.98 -19.58 -7.54
CA TRP A 250 -6.67 -20.52 -6.67
C TRP A 250 -7.94 -19.90 -6.07
N ILE A 251 -7.90 -18.60 -5.77
CA ILE A 251 -9.10 -17.92 -5.29
C ILE A 251 -10.17 -17.92 -6.36
N VAL A 252 -9.79 -17.66 -7.61
CA VAL A 252 -10.75 -17.65 -8.70
C VAL A 252 -11.36 -19.04 -8.90
N GLN A 253 -10.53 -20.07 -8.81
CA GLN A 253 -11.04 -21.44 -8.94
C GLN A 253 -12.00 -21.78 -7.81
N TYR A 254 -11.67 -21.36 -6.58
CA TYR A 254 -12.58 -21.57 -5.45
C TYR A 254 -13.91 -20.86 -5.68
N LEU A 255 -13.88 -19.64 -6.19
CA LEU A 255 -15.11 -18.90 -6.44
C LEU A 255 -15.95 -19.55 -7.54
N VAL A 256 -15.30 -19.95 -8.64
CA VAL A 256 -16.06 -20.44 -9.80
C VAL A 256 -16.59 -21.84 -9.54
N GLN A 257 -15.77 -22.73 -8.96
CA GLN A 257 -16.19 -24.12 -8.82
C GLN A 257 -17.30 -24.32 -7.80
N ASN A 258 -17.51 -23.35 -6.91
CA ASN A 258 -18.56 -23.46 -5.90
C ASN A 258 -19.83 -22.73 -6.27
N SER A 259 -19.91 -22.13 -7.46
CA SER A 259 -21.11 -21.46 -7.93
C SER A 259 -21.70 -22.10 -9.18
N VAL A 260 -20.89 -22.31 -10.22
CA VAL A 260 -21.39 -22.96 -11.42
C VAL A 260 -21.36 -24.47 -11.27
N GLY A 261 -20.22 -24.99 -10.81
CA GLY A 261 -20.11 -26.43 -10.57
C GLY A 261 -21.10 -26.92 -9.53
N ARG A 262 -21.34 -26.11 -8.50
CA ARG A 262 -22.33 -26.47 -7.50
C ARG A 262 -23.73 -26.56 -8.11
N GLN A 263 -24.07 -25.60 -8.97
CA GLN A 263 -25.37 -25.64 -9.64
C GLN A 263 -25.51 -26.88 -10.50
N TRP A 264 -24.44 -27.24 -11.23
CA TRP A 264 -24.51 -28.46 -12.04
C TRP A 264 -24.62 -29.71 -11.18
N LEU A 265 -23.87 -29.76 -10.06
CA LEU A 265 -23.85 -30.96 -9.23
C LEU A 265 -25.12 -31.13 -8.41
N GLN A 266 -25.85 -30.05 -8.14
CA GLN A 266 -27.12 -30.20 -7.42
C GLN A 266 -28.12 -31.03 -8.22
N THR A 267 -28.21 -30.79 -9.52
CA THR A 267 -29.13 -31.56 -10.36
C THR A 267 -28.59 -32.94 -10.70
N TYR A 268 -27.27 -33.08 -10.87
CA TYR A 268 -26.64 -34.34 -11.27
C TYR A 268 -25.59 -34.70 -10.23
N PRO A 269 -25.99 -35.22 -9.07
CA PRO A 269 -25.01 -35.54 -8.03
C PRO A 269 -23.99 -36.58 -8.46
N ASP A 270 -24.38 -37.57 -9.26
CA ASP A 270 -23.49 -38.63 -9.70
C ASP A 270 -22.99 -38.32 -11.11
N SER A 271 -22.06 -37.38 -11.19
CA SER A 271 -21.48 -37.00 -12.47
C SER A 271 -19.96 -36.92 -12.34
N PRO A 272 -19.23 -37.23 -13.43
CA PRO A 272 -17.76 -37.20 -13.41
C PRO A 272 -17.19 -35.79 -13.54
N LEU A 273 -17.74 -34.85 -12.78
CA LEU A 273 -17.26 -33.49 -12.73
C LEU A 273 -16.69 -33.09 -11.38
N LYS A 274 -17.17 -33.71 -10.29
CA LYS A 274 -16.67 -33.38 -8.96
C LYS A 274 -15.20 -33.76 -8.80
N ASP A 275 -14.75 -34.78 -9.53
CA ASP A 275 -13.35 -35.18 -9.46
C ASP A 275 -12.43 -34.22 -10.19
N LYS A 276 -12.96 -33.41 -11.11
CA LYS A 276 -12.17 -32.44 -11.84
C LYS A 276 -12.06 -31.09 -11.14
N MET A 277 -12.80 -30.89 -10.04
CA MET A 277 -12.80 -29.63 -9.31
C MET A 277 -12.19 -29.87 -7.94
N GLU A 278 -10.96 -29.39 -7.73
CA GLU A 278 -10.26 -29.63 -6.48
C GLU A 278 -10.80 -28.77 -5.34
N TYR A 279 -11.37 -27.61 -5.65
CA TYR A 279 -11.80 -26.65 -4.62
C TYR A 279 -13.30 -26.72 -4.34
N TYR A 280 -14.00 -27.72 -4.86
CA TYR A 280 -15.41 -27.88 -4.54
C TYR A 280 -15.57 -28.35 -3.11
N ILE A 281 -16.45 -27.69 -2.37
CA ILE A 281 -16.64 -27.95 -0.94
C ILE A 281 -17.88 -28.80 -0.75
N GLU A 282 -17.74 -29.91 -0.04
CA GLU A 282 -18.87 -30.77 0.25
C GLU A 282 -19.77 -30.12 1.28
N PRO A 283 -21.07 -30.01 1.03
CA PRO A 283 -21.97 -29.41 2.03
C PRO A 283 -22.04 -30.25 3.29
N ALA A 284 -22.26 -29.56 4.42
CA ALA A 284 -22.42 -30.24 5.69
C ALA A 284 -23.79 -30.92 5.76
N GLU A 285 -23.93 -31.82 6.73
CA GLU A 285 -25.19 -32.52 6.91
C GLU A 285 -26.26 -31.56 7.43
N GLN A 286 -27.43 -31.58 6.80
CA GLN A 286 -28.52 -30.68 7.13
C GLN A 286 -29.68 -31.47 7.73
N THR A 287 -30.57 -30.74 8.39
CA THR A 287 -31.77 -31.35 8.96
C THR A 287 -32.71 -31.79 7.83
N PRO A 288 -33.56 -32.78 8.09
CA PRO A 288 -34.47 -33.25 7.03
C PRO A 288 -35.38 -32.17 6.47
N GLU A 289 -35.79 -31.21 7.30
CA GLU A 289 -36.62 -30.11 6.79
C GLU A 289 -35.86 -29.27 5.77
N VAL A 290 -34.60 -28.97 6.05
CA VAL A 290 -33.79 -28.19 5.11
C VAL A 290 -33.59 -28.96 3.81
N GLN A 291 -33.33 -30.26 3.91
CA GLN A 291 -33.16 -31.06 2.71
C GLN A 291 -34.44 -31.11 1.88
N ALA A 292 -35.60 -31.25 2.55
CA ALA A 292 -36.87 -31.26 1.83
C ALA A 292 -37.13 -29.92 1.16
N GLN A 293 -36.82 -28.82 1.86
CA GLN A 293 -36.99 -27.50 1.26
C GLN A 293 -36.08 -27.31 0.04
N LEU A 294 -34.84 -27.79 0.14
CA LEU A 294 -33.91 -27.65 -0.98
C LEU A 294 -34.34 -28.50 -2.16
N ALA A 295 -34.84 -29.71 -1.91
CA ALA A 295 -35.24 -30.60 -3.00
C ALA A 295 -36.43 -30.08 -3.79
N ALA A 296 -37.22 -29.18 -3.22
CA ALA A 296 -38.42 -28.69 -3.88
C ALA A 296 -38.14 -27.60 -4.91
N ILE A 297 -36.93 -27.04 -4.92
CA ILE A 297 -36.58 -25.99 -5.87
C ILE A 297 -35.53 -26.42 -6.88
N THR A 298 -34.99 -27.63 -6.75
CA THR A 298 -33.96 -28.10 -7.68
C THR A 298 -34.61 -28.58 -8.97
N PRO A 299 -34.24 -28.04 -10.13
CA PRO A 299 -34.81 -28.53 -11.38
C PRO A 299 -34.34 -29.94 -11.69
N ALA A 300 -35.17 -30.65 -12.47
CA ALA A 300 -34.87 -32.04 -12.81
C ALA A 300 -33.91 -32.17 -13.98
N SER A 301 -33.66 -31.11 -14.74
CA SER A 301 -32.75 -31.17 -15.87
C SER A 301 -32.23 -29.77 -16.16
N ILE A 302 -30.99 -29.71 -16.66
CA ILE A 302 -30.33 -28.46 -17.02
C ILE A 302 -29.84 -28.56 -18.45
N GLU A 303 -30.18 -27.58 -19.27
CA GLU A 303 -29.67 -27.52 -20.63
C GLU A 303 -28.36 -26.74 -20.64
N PRO A 304 -27.29 -27.29 -21.24
CA PRO A 304 -25.99 -26.60 -21.17
C PRO A 304 -26.00 -25.20 -21.77
N GLU A 305 -26.79 -24.94 -22.80
CA GLU A 305 -26.85 -23.60 -23.38
C GLU A 305 -27.93 -22.77 -22.70
N SER A 306 -27.93 -22.78 -21.37
CA SER A 306 -28.84 -21.93 -20.61
C SER A 306 -28.19 -21.36 -19.35
N ILE A 307 -26.90 -21.62 -19.12
CA ILE A 307 -26.21 -21.13 -17.93
C ILE A 307 -25.56 -19.81 -18.28
N LYS A 308 -25.99 -18.75 -17.60
CA LYS A 308 -25.51 -17.40 -17.86
C LYS A 308 -24.58 -16.98 -16.72
N VAL A 309 -23.35 -16.62 -17.07
CA VAL A 309 -22.35 -16.19 -16.10
C VAL A 309 -21.90 -14.79 -16.48
N LEU A 310 -21.90 -13.89 -15.50
CA LEU A 310 -21.57 -12.48 -15.69
C LEU A 310 -20.43 -12.07 -14.78
N ASP A 311 -19.51 -11.27 -15.33
CA ASP A 311 -18.46 -10.62 -14.55
C ASP A 311 -18.68 -9.11 -14.61
N PRO A 312 -19.23 -8.50 -13.56
CA PRO A 312 -19.51 -7.05 -13.61
C PRO A 312 -18.27 -6.20 -13.72
N ALA A 313 -17.10 -6.71 -13.30
CA ALA A 313 -15.82 -6.02 -13.47
C ALA A 313 -14.84 -7.05 -14.00
N CYS A 314 -14.80 -7.21 -15.31
CA CYS A 314 -14.06 -8.33 -15.90
C CYS A 314 -12.55 -8.15 -15.74
N GLY A 315 -12.05 -6.93 -15.92
CA GLY A 315 -10.62 -6.69 -15.82
C GLY A 315 -9.83 -7.39 -16.91
N SER A 316 -8.99 -8.33 -16.52
CA SER A 316 -8.19 -9.08 -17.48
C SER A 316 -8.88 -10.36 -17.95
N GLY A 317 -10.01 -10.73 -17.36
CA GLY A 317 -10.75 -11.90 -17.80
C GLY A 317 -10.37 -13.22 -17.17
N HIS A 318 -9.72 -13.20 -16.01
CA HIS A 318 -9.30 -14.43 -15.34
C HIS A 318 -10.51 -15.27 -14.94
N ILE A 319 -11.50 -14.63 -14.32
CA ILE A 319 -12.70 -15.32 -13.88
C ILE A 319 -13.43 -15.93 -15.07
N LEU A 320 -13.48 -15.19 -16.19
CA LEU A 320 -14.13 -15.70 -17.38
C LEU A 320 -13.39 -16.92 -17.93
N THR A 321 -12.06 -16.94 -17.84
CA THR A 321 -11.31 -18.11 -18.29
C THR A 321 -11.61 -19.33 -17.43
N GLU A 322 -11.67 -19.15 -16.11
CA GLU A 322 -12.00 -20.30 -15.26
C GLU A 322 -13.42 -20.79 -15.50
N ALA A 323 -14.36 -19.86 -15.68
CA ALA A 323 -15.72 -20.26 -16.02
C ALA A 323 -15.76 -20.99 -17.36
N TYR A 324 -14.94 -20.55 -18.31
CA TYR A 324 -14.84 -21.25 -19.59
C TYR A 324 -14.36 -22.68 -19.40
N ASN A 325 -13.36 -22.89 -18.54
CA ASN A 325 -12.88 -24.24 -18.29
C ASN A 325 -13.97 -25.12 -17.71
N VAL A 326 -14.69 -24.60 -16.71
CA VAL A 326 -15.76 -25.39 -16.09
C VAL A 326 -16.86 -25.72 -17.09
N LEU A 327 -17.26 -24.72 -17.89
CA LEU A 327 -18.31 -24.94 -18.87
C LEU A 327 -17.86 -25.90 -19.97
N LYS A 328 -16.58 -25.86 -20.34
CA LYS A 328 -16.08 -26.83 -21.32
C LYS A 328 -16.15 -28.24 -20.77
N ALA A 329 -15.82 -28.42 -19.49
CA ALA A 329 -15.97 -29.73 -18.87
C ALA A 329 -17.43 -30.19 -18.88
N ILE A 330 -18.34 -29.27 -18.58
CA ILE A 330 -19.76 -29.63 -18.57
C ILE A 330 -20.23 -30.03 -19.97
N TYR A 331 -19.83 -29.26 -20.98
CA TYR A 331 -20.23 -29.57 -22.35
C TYR A 331 -19.67 -30.91 -22.80
N GLU A 332 -18.41 -31.19 -22.48
CA GLU A 332 -17.83 -32.48 -22.83
C GLU A 332 -18.55 -33.62 -22.13
N GLU A 333 -18.94 -33.42 -20.87
CA GLU A 333 -19.71 -34.44 -20.17
C GLU A 333 -21.05 -34.69 -20.85
N ARG A 334 -21.73 -33.63 -21.27
CA ARG A 334 -23.03 -33.80 -21.91
C ARG A 334 -22.92 -34.50 -23.26
N GLY A 335 -21.76 -34.47 -23.90
CA GLY A 335 -21.56 -35.21 -25.13
C GLY A 335 -21.65 -34.39 -26.41
N TYR A 336 -20.99 -33.24 -26.43
CA TYR A 336 -20.92 -32.41 -27.61
C TYR A 336 -19.60 -32.64 -28.35
N ARG A 337 -19.57 -32.25 -29.61
CA ARG A 337 -18.36 -32.38 -30.42
C ARG A 337 -17.30 -31.42 -29.90
N THR A 338 -16.04 -31.87 -29.92
CA THR A 338 -14.97 -31.14 -29.25
C THR A 338 -14.73 -29.77 -29.88
N ARG A 339 -14.76 -29.69 -31.21
CA ARG A 339 -14.39 -28.46 -31.90
C ARG A 339 -15.54 -27.47 -32.02
N ASP A 340 -16.74 -27.83 -31.55
CA ASP A 340 -17.88 -26.92 -31.57
C ASP A 340 -18.12 -26.26 -30.22
N ILE A 341 -17.52 -26.76 -29.14
CA ILE A 341 -17.79 -26.24 -27.81
C ILE A 341 -17.36 -24.79 -27.64
N PRO A 342 -16.14 -24.39 -28.03
CA PRO A 342 -15.71 -23.00 -27.73
C PRO A 342 -16.62 -21.93 -28.29
N GLN A 343 -17.14 -22.11 -29.51
CA GLN A 343 -18.02 -21.11 -30.09
C GLN A 343 -19.33 -21.02 -29.31
N LEU A 344 -19.89 -22.16 -28.91
CA LEU A 344 -21.11 -22.15 -28.11
C LEU A 344 -20.89 -21.44 -26.78
N ILE A 345 -19.78 -21.74 -26.12
CA ILE A 345 -19.49 -21.11 -24.83
C ILE A 345 -19.34 -19.60 -24.98
N LEU A 346 -18.59 -19.18 -26.00
CA LEU A 346 -18.37 -17.75 -26.21
C LEU A 346 -19.62 -17.03 -26.68
N GLU A 347 -20.58 -17.74 -27.27
CA GLU A 347 -21.75 -17.08 -27.81
C GLU A 347 -22.94 -17.06 -26.86
N ASN A 348 -23.05 -18.00 -25.93
CA ASN A 348 -24.23 -17.97 -25.08
C ASN A 348 -23.97 -18.31 -23.61
N ASN A 349 -22.75 -18.12 -23.10
CA ASN A 349 -22.50 -18.46 -21.70
C ASN A 349 -21.75 -17.37 -20.94
N ILE A 350 -20.90 -16.61 -21.61
CA ILE A 350 -19.96 -15.71 -20.96
C ILE A 350 -20.38 -14.26 -21.21
N PHE A 351 -20.46 -13.48 -20.14
CA PHE A 351 -20.77 -12.05 -20.26
C PHE A 351 -19.87 -11.26 -19.33
N GLY A 352 -19.42 -10.09 -19.81
CA GLY A 352 -18.52 -9.28 -19.02
C GLY A 352 -18.65 -7.79 -19.24
N LEU A 353 -18.58 -7.02 -18.14
CA LEU A 353 -18.67 -5.57 -18.19
C LEU A 353 -17.45 -4.97 -17.52
N ASP A 354 -16.97 -3.85 -18.07
CA ASP A 354 -15.93 -3.10 -17.38
C ASP A 354 -16.09 -1.61 -17.66
N ILE A 355 -15.46 -0.80 -16.82
CA ILE A 355 -15.52 0.66 -16.96
C ILE A 355 -14.33 1.22 -17.71
N ASP A 356 -13.33 0.40 -18.04
CA ASP A 356 -12.12 0.83 -18.73
C ASP A 356 -12.00 0.10 -20.06
N ASP A 357 -11.62 0.83 -21.11
CA ASP A 357 -11.49 0.22 -22.43
C ASP A 357 -10.31 -0.75 -22.49
N ARG A 358 -9.23 -0.42 -21.79
CA ARG A 358 -8.05 -1.28 -21.79
C ARG A 358 -8.37 -2.67 -21.24
N ALA A 359 -9.15 -2.71 -20.16
CA ALA A 359 -9.56 -3.99 -19.58
C ALA A 359 -10.42 -4.77 -20.56
N ALA A 360 -11.32 -4.10 -21.28
CA ALA A 360 -12.15 -4.80 -22.26
C ALA A 360 -11.30 -5.40 -23.36
N GLN A 361 -10.33 -4.65 -23.88
CA GLN A 361 -9.45 -5.17 -24.92
C GLN A 361 -8.68 -6.39 -24.42
N LEU A 362 -8.10 -6.29 -23.23
CA LEU A 362 -7.31 -7.41 -22.70
C LEU A 362 -8.18 -8.64 -22.44
N SER A 363 -9.38 -8.44 -21.88
CA SER A 363 -10.27 -9.56 -21.63
C SER A 363 -10.68 -10.25 -22.92
N GLY A 364 -11.04 -9.48 -23.94
CA GLY A 364 -11.39 -10.08 -25.22
C GLY A 364 -10.24 -10.87 -25.81
N PHE A 365 -9.03 -10.31 -25.77
CA PHE A 365 -7.88 -11.02 -26.33
C PHE A 365 -7.61 -12.31 -25.55
N ALA A 366 -7.71 -12.26 -24.23
CA ALA A 366 -7.46 -13.46 -23.43
C ALA A 366 -8.48 -14.55 -23.73
N MET A 367 -9.76 -14.18 -23.82
CA MET A 367 -10.79 -15.17 -24.14
C MET A 367 -10.57 -15.77 -25.52
N LEU A 368 -10.22 -14.93 -26.51
CA LEU A 368 -10.00 -15.45 -27.85
C LEU A 368 -8.79 -16.39 -27.90
N MET A 369 -7.72 -16.06 -27.17
CA MET A 369 -6.56 -16.95 -27.15
C MET A 369 -6.87 -18.26 -26.47
N LEU A 370 -7.62 -18.22 -25.36
CA LEU A 370 -8.01 -19.45 -24.69
C LEU A 370 -8.87 -20.32 -25.60
N ALA A 371 -9.79 -19.72 -26.35
CA ALA A 371 -10.59 -20.48 -27.31
C ALA A 371 -9.72 -21.04 -28.43
N ARG A 372 -8.75 -20.24 -28.91
CA ARG A 372 -7.87 -20.69 -29.99
C ARG A 372 -7.03 -21.89 -29.57
N GLN A 373 -6.69 -21.98 -28.29
CA GLN A 373 -5.96 -23.16 -27.80
C GLN A 373 -6.70 -24.44 -28.11
N ASP A 374 -8.04 -24.42 -28.14
CA ASP A 374 -8.85 -25.62 -28.37
C ASP A 374 -9.33 -25.75 -29.80
N ASP A 375 -9.73 -24.64 -30.44
CA ASP A 375 -10.28 -24.66 -31.79
C ASP A 375 -9.25 -24.10 -32.75
N ARG A 376 -8.86 -24.92 -33.74
CA ARG A 376 -7.88 -24.48 -34.72
C ARG A 376 -8.48 -23.50 -35.73
N ARG A 377 -9.72 -23.74 -36.14
CA ARG A 377 -10.35 -22.95 -37.19
C ARG A 377 -10.98 -21.66 -36.67
N ILE A 378 -10.94 -21.41 -35.36
CA ILE A 378 -11.49 -20.18 -34.79
C ILE A 378 -10.58 -19.03 -35.22
N LEU A 379 -11.05 -17.80 -35.02
CA LEU A 379 -10.49 -16.54 -35.50
C LEU A 379 -10.78 -16.34 -36.99
N GLY A 380 -11.35 -17.33 -37.67
CA GLY A 380 -11.83 -17.19 -39.02
C GLY A 380 -13.33 -17.05 -39.13
N ARG A 381 -14.05 -17.18 -38.02
CA ARG A 381 -15.49 -17.03 -37.98
C ARG A 381 -15.86 -15.73 -37.27
N GLY A 382 -17.01 -15.18 -37.61
CA GLY A 382 -17.45 -13.94 -37.02
C GLY A 382 -17.99 -14.11 -35.61
N VAL A 383 -17.13 -14.50 -34.69
CA VAL A 383 -17.54 -14.69 -33.30
C VAL A 383 -17.70 -13.32 -32.65
N ARG A 384 -18.87 -13.08 -32.08
CA ARG A 384 -19.21 -11.81 -31.45
C ARG A 384 -19.22 -12.01 -29.94
N LEU A 385 -18.30 -11.35 -29.25
CA LEU A 385 -18.18 -11.48 -27.80
C LEU A 385 -19.10 -10.50 -27.10
N ASN A 386 -19.57 -10.90 -25.92
CA ASN A 386 -20.42 -10.05 -25.08
C ASN A 386 -19.64 -9.48 -23.90
N ILE A 387 -18.38 -9.14 -24.12
CA ILE A 387 -17.52 -8.50 -23.11
C ILE A 387 -17.29 -7.08 -23.58
N VAL A 388 -17.82 -6.11 -22.83
CA VAL A 388 -17.83 -4.72 -23.29
C VAL A 388 -17.40 -3.77 -22.17
N SER A 389 -17.08 -2.55 -22.59
CA SER A 389 -16.79 -1.44 -21.70
C SER A 389 -17.93 -0.44 -21.76
N LEU A 390 -18.33 0.08 -20.62
CA LEU A 390 -19.48 0.96 -20.54
C LEU A 390 -19.15 2.32 -21.15
N GLN A 391 -20.06 2.82 -22.00
CA GLN A 391 -19.89 4.08 -22.69
C GLN A 391 -20.89 5.10 -22.18
N GLU A 392 -20.42 6.34 -21.99
CA GLU A 392 -21.28 7.40 -21.50
C GLU A 392 -22.05 8.04 -22.64
N SER A 393 -23.35 8.27 -22.41
CA SER A 393 -24.23 8.79 -23.46
C SER A 393 -24.07 10.29 -23.56
N LYS A 394 -23.52 10.76 -24.68
CA LYS A 394 -23.42 12.18 -24.96
C LYS A 394 -23.80 12.52 -26.40
N LEU A 395 -24.19 11.55 -27.21
CA LEU A 395 -24.52 11.80 -28.61
C LEU A 395 -25.87 12.51 -28.71
N ASP A 396 -26.16 12.98 -29.93
CA ASP A 396 -27.41 13.68 -30.18
C ASP A 396 -28.59 12.72 -30.05
N ILE A 397 -29.78 13.31 -30.00
CA ILE A 397 -31.00 12.56 -29.68
C ILE A 397 -31.76 12.16 -30.93
N ALA A 398 -31.99 13.10 -31.84
CA ALA A 398 -32.82 12.86 -33.02
C ALA A 398 -32.04 12.75 -34.33
N GLU A 399 -30.83 13.31 -34.40
CA GLU A 399 -30.06 13.24 -35.64
C GLU A 399 -29.67 11.80 -35.97
N VAL A 400 -29.24 11.03 -34.97
CA VAL A 400 -28.89 9.64 -35.20
C VAL A 400 -30.12 8.84 -35.61
N TRP A 401 -31.28 9.15 -35.02
CA TRP A 401 -32.51 8.47 -35.41
C TRP A 401 -32.89 8.78 -36.85
N THR A 402 -32.75 10.04 -37.26
CA THR A 402 -33.04 10.40 -38.65
C THR A 402 -32.07 9.70 -39.60
N LYS A 403 -30.79 9.63 -39.23
CA LYS A 403 -29.82 8.93 -40.07
C LYS A 403 -30.13 7.44 -40.15
N LEU A 404 -30.63 6.86 -39.06
CA LEU A 404 -30.86 5.42 -39.01
C LEU A 404 -31.91 5.00 -40.04
N ASN A 405 -33.00 5.77 -40.15
CA ASN A 405 -34.06 5.53 -41.13
C ASN A 405 -34.61 4.10 -41.01
N PHE A 406 -35.21 3.84 -39.85
CA PHE A 406 -35.76 2.51 -39.56
C PHE A 406 -36.94 2.19 -40.47
N HIS A 407 -37.78 3.18 -40.77
CA HIS A 407 -38.99 2.93 -41.55
C HIS A 407 -38.65 2.53 -42.98
N GLN A 408 -37.59 3.11 -43.55
CA GLN A 408 -37.22 2.79 -44.92
C GLN A 408 -36.86 1.32 -45.07
N HIS A 409 -36.16 0.76 -44.10
CA HIS A 409 -35.75 -0.64 -44.21
C HIS A 409 -36.89 -1.57 -43.82
N MET A 410 -37.32 -1.54 -42.57
CA MET A 410 -38.41 -2.41 -42.11
C MET A 410 -39.64 -1.64 -41.66
N GLN A 411 -39.52 -0.78 -40.64
CA GLN A 411 -40.66 -0.09 -40.03
C GLN A 411 -40.13 0.77 -38.89
N ARG A 412 -41.03 1.56 -38.31
CA ARG A 412 -40.80 2.28 -37.06
C ARG A 412 -39.61 3.24 -37.18
N GLY A 413 -39.70 4.15 -38.14
CA GLY A 413 -38.65 5.12 -38.36
C GLY A 413 -39.06 6.55 -38.16
N SER A 414 -40.34 6.85 -38.36
CA SER A 414 -40.84 8.21 -38.20
C SER A 414 -41.35 8.46 -36.79
N MET A 415 -42.37 7.70 -36.37
CA MET A 415 -42.94 7.83 -35.05
C MET A 415 -43.19 6.49 -34.37
N GLY A 416 -42.91 5.38 -35.05
CA GLY A 416 -43.13 4.07 -34.43
C GLY A 416 -42.15 3.82 -33.30
N ASP A 417 -42.69 3.51 -32.12
CA ASP A 417 -41.86 3.21 -30.96
C ASP A 417 -42.27 1.87 -30.38
N MET A 418 -41.76 1.55 -29.18
CA MET A 418 -42.28 0.39 -28.46
C MET A 418 -43.77 0.54 -28.18
N PHE A 419 -44.20 1.77 -27.93
CA PHE A 419 -45.61 2.13 -27.83
C PHE A 419 -45.91 3.21 -28.87
N THR A 420 -47.10 3.79 -28.79
CA THR A 420 -47.45 4.87 -29.70
C THR A 420 -46.61 6.11 -29.38
N GLN A 421 -46.47 6.97 -30.39
CA GLN A 421 -45.62 8.15 -30.23
C GLN A 421 -46.14 9.08 -29.14
N GLY A 422 -47.46 9.23 -29.05
CA GLY A 422 -48.07 10.17 -28.14
C GLY A 422 -48.29 9.71 -26.72
N THR A 423 -47.86 8.50 -26.37
CA THR A 423 -48.06 8.01 -25.01
C THR A 423 -47.28 8.82 -23.99
N ALA A 424 -46.03 9.17 -24.31
CA ALA A 424 -45.16 9.96 -23.43
C ALA A 424 -45.00 9.28 -22.06
N LEU A 425 -44.42 8.08 -22.10
CA LEU A 425 -44.22 7.30 -20.88
C LEU A 425 -43.18 7.94 -19.98
N ALA A 426 -43.51 8.08 -18.70
CA ALA A 426 -42.62 8.61 -17.66
C ALA A 426 -42.19 10.02 -18.09
N ASN A 427 -40.91 10.37 -17.94
CA ASN A 427 -40.41 11.69 -18.31
C ASN A 427 -39.59 11.69 -19.60
N THR A 428 -38.91 10.58 -19.91
CA THR A 428 -38.13 10.51 -21.14
C THR A 428 -39.02 10.61 -22.36
N ASP A 429 -40.19 9.97 -22.31
CA ASP A 429 -41.15 9.95 -23.42
C ASP A 429 -40.48 9.31 -24.64
N SER A 430 -40.92 9.68 -25.84
CA SER A 430 -40.34 9.17 -27.08
C SER A 430 -40.21 10.33 -28.07
N ALA A 431 -39.07 11.00 -28.03
CA ALA A 431 -38.76 11.94 -29.10
C ALA A 431 -38.50 11.21 -30.41
N GLU A 432 -37.92 10.01 -30.34
CA GLU A 432 -37.75 9.18 -31.51
C GLU A 432 -38.19 7.75 -31.26
N TYR A 433 -38.12 7.31 -30.01
CA TYR A 433 -38.45 5.93 -29.65
C TYR A 433 -38.51 5.84 -28.13
N LYS A 434 -39.53 5.14 -27.62
CA LYS A 434 -39.66 4.98 -26.17
C LYS A 434 -38.45 4.25 -25.59
N LEU A 435 -38.14 3.08 -26.15
CA LEU A 435 -37.06 2.26 -25.62
C LEU A 435 -35.73 2.96 -25.75
N LEU A 436 -35.47 3.59 -26.91
CA LEU A 436 -34.20 4.26 -27.11
C LEU A 436 -34.02 5.42 -26.15
N MET A 437 -35.06 6.23 -25.96
CA MET A 437 -34.97 7.36 -25.04
C MET A 437 -34.75 6.88 -23.61
N ARG A 438 -35.53 5.89 -23.17
CA ARG A 438 -35.37 5.37 -21.81
C ARG A 438 -33.98 4.82 -21.60
N THR A 439 -33.46 4.08 -22.58
CA THR A 439 -32.13 3.49 -22.44
C THR A 439 -31.05 4.56 -22.39
N LEU A 440 -31.11 5.53 -23.31
CA LEU A 440 -30.07 6.56 -23.37
C LEU A 440 -30.10 7.46 -22.16
N ALA A 441 -31.27 7.65 -21.54
CA ALA A 441 -31.34 8.50 -20.36
C ALA A 441 -30.63 7.89 -19.15
N LEU A 442 -30.35 6.59 -19.17
CA LEU A 442 -29.78 5.90 -18.03
C LEU A 442 -28.26 5.94 -17.99
N PHE A 443 -27.59 6.32 -19.07
CA PHE A 443 -26.13 6.24 -19.17
C PHE A 443 -25.50 7.59 -19.38
N THR A 444 -26.06 8.64 -18.77
CA THR A 444 -25.49 9.97 -18.91
C THR A 444 -24.24 10.16 -18.06
N SER A 445 -24.01 9.30 -17.07
CA SER A 445 -22.81 9.35 -16.25
C SER A 445 -22.24 7.95 -16.08
N ALA A 446 -22.15 7.22 -17.19
CA ALA A 446 -21.70 5.83 -17.15
C ALA A 446 -20.25 5.72 -16.68
N LYS A 447 -19.39 6.63 -17.13
CA LYS A 447 -17.97 6.55 -16.79
C LYS A 447 -17.68 6.82 -15.32
N THR A 448 -18.69 7.08 -14.50
CA THR A 448 -18.53 7.23 -13.06
C THR A 448 -19.22 6.12 -12.27
N LEU A 449 -20.38 5.66 -12.72
CA LEU A 449 -21.13 4.64 -12.00
C LEU A 449 -20.81 3.22 -12.46
N GLY A 450 -20.67 3.02 -13.76
CA GLY A 450 -20.28 1.71 -14.26
C GLY A 450 -21.42 0.72 -14.23
N SER A 451 -21.19 -0.42 -13.60
CA SER A 451 -22.16 -1.52 -13.57
C SER A 451 -23.22 -1.34 -12.49
N LEU A 452 -23.16 -0.28 -11.71
CA LEU A 452 -24.16 -0.02 -10.68
C LEU A 452 -25.46 0.55 -11.24
N ILE A 453 -25.50 0.85 -12.53
CA ILE A 453 -26.72 1.35 -13.15
C ILE A 453 -27.74 0.22 -13.28
N GLN A 454 -28.98 0.51 -12.91
CA GLN A 454 -30.05 -0.48 -12.93
C GLN A 454 -30.86 -0.35 -14.22
N VAL A 455 -31.09 -1.48 -14.88
CA VAL A 455 -31.90 -1.55 -16.09
C VAL A 455 -33.04 -2.52 -15.85
N PRO A 456 -34.30 -2.14 -16.10
CA PRO A 456 -35.41 -3.06 -15.83
C PRO A 456 -35.32 -4.33 -16.67
N GLN A 457 -35.72 -5.44 -16.07
CA GLN A 457 -35.69 -6.72 -16.78
C GLN A 457 -36.82 -6.80 -17.80
N GLU A 458 -37.93 -6.10 -17.56
CA GLU A 458 -39.07 -6.16 -18.47
C GLU A 458 -38.73 -5.63 -19.86
N ASP A 459 -37.69 -4.81 -19.98
CA ASP A 459 -37.26 -4.28 -21.27
C ASP A 459 -36.20 -5.16 -21.93
N GLU A 460 -35.89 -6.32 -21.36
CA GLU A 460 -34.83 -7.16 -21.91
C GLU A 460 -35.14 -7.61 -23.32
N ALA A 461 -36.20 -8.40 -23.49
CA ALA A 461 -36.48 -9.03 -24.78
C ALA A 461 -36.57 -8.01 -25.89
N ALA A 462 -37.34 -6.95 -25.68
CA ALA A 462 -37.46 -5.89 -26.68
C ALA A 462 -36.09 -5.38 -27.09
N LEU A 463 -35.25 -5.04 -26.10
CA LEU A 463 -33.90 -4.59 -26.40
C LEU A 463 -33.19 -5.58 -27.30
N LYS A 464 -33.26 -6.86 -26.94
CA LYS A 464 -32.63 -7.90 -27.75
C LYS A 464 -33.07 -7.78 -29.20
N ALA A 465 -34.38 -7.70 -29.43
CA ALA A 465 -34.88 -7.59 -30.80
C ALA A 465 -34.27 -6.37 -31.49
N PHE A 466 -34.29 -5.22 -30.81
CA PHE A 466 -33.72 -4.02 -31.40
C PHE A 466 -32.27 -4.25 -31.77
N LEU A 467 -31.50 -4.87 -30.87
CA LEU A 467 -30.09 -5.12 -31.15
C LEU A 467 -29.93 -5.93 -32.43
N GLU A 468 -30.77 -6.95 -32.60
CA GLU A 468 -30.69 -7.78 -33.80
C GLU A 468 -30.82 -6.93 -35.05
N ARG A 469 -31.78 -6.00 -35.06
CA ARG A 469 -31.96 -5.15 -36.23
C ARG A 469 -30.71 -4.36 -36.52
N LEU A 470 -30.06 -3.84 -35.49
CA LEU A 470 -28.82 -3.10 -35.69
C LEU A 470 -27.77 -3.99 -36.34
N TYR A 471 -27.69 -5.25 -35.90
CA TYR A 471 -26.71 -6.17 -36.48
C TYR A 471 -26.96 -6.40 -37.97
N ARG A 472 -28.17 -6.14 -38.45
CA ARG A 472 -28.43 -6.25 -39.87
C ARG A 472 -28.26 -4.93 -40.61
N LEU A 473 -28.35 -3.80 -39.92
CA LEU A 473 -28.21 -2.51 -40.60
C LEU A 473 -26.75 -2.12 -40.80
N ALA A 474 -25.82 -2.78 -40.12
CA ALA A 474 -24.41 -2.50 -40.29
C ALA A 474 -23.78 -3.32 -41.42
N VAL A 475 -24.55 -4.21 -42.05
CA VAL A 475 -24.03 -5.05 -43.12
C VAL A 475 -24.88 -4.87 -44.37
N GLU A 476 -26.15 -4.48 -44.18
CA GLU A 476 -27.12 -4.40 -45.27
C GLU A 476 -27.78 -3.03 -45.29
N GLY A 477 -26.97 -1.97 -45.21
CA GLY A 477 -27.49 -0.61 -45.25
C GLY A 477 -26.55 0.30 -46.01
N ASP A 478 -27.03 1.52 -46.25
CA ASP A 478 -26.23 2.54 -46.92
C ASP A 478 -25.21 3.11 -45.93
N ILE A 479 -24.48 4.13 -46.36
CA ILE A 479 -23.42 4.69 -45.52
C ILE A 479 -23.99 5.28 -44.24
N GLN A 480 -25.05 6.08 -44.37
CA GLN A 480 -25.64 6.72 -43.20
C GLN A 480 -26.20 5.69 -42.23
N GLN A 481 -26.91 4.69 -42.75
CA GLN A 481 -27.46 3.64 -41.88
C GLN A 481 -26.34 2.86 -41.22
N LYS A 482 -25.27 2.54 -41.95
CA LYS A 482 -24.17 1.79 -41.37
C LYS A 482 -23.51 2.56 -40.24
N GLU A 483 -23.24 3.86 -40.46
CA GLU A 483 -22.57 4.62 -39.41
C GLU A 483 -23.49 4.84 -38.22
N ALA A 484 -24.78 5.06 -38.45
CA ALA A 484 -25.72 5.21 -37.33
C ALA A 484 -25.80 3.93 -36.51
N ALA A 485 -25.86 2.77 -37.18
CA ALA A 485 -25.91 1.51 -36.45
C ALA A 485 -24.61 1.26 -35.69
N ALA A 486 -23.46 1.56 -36.31
CA ALA A 486 -22.20 1.37 -35.62
C ALA A 486 -22.07 2.28 -34.41
N GLU A 487 -22.69 3.47 -34.47
CA GLU A 487 -22.67 4.35 -33.31
C GLU A 487 -23.62 3.86 -32.22
N LEU A 488 -24.78 3.33 -32.60
CA LEU A 488 -25.79 2.95 -31.61
C LEU A 488 -25.54 1.58 -30.98
N ILE A 489 -24.77 0.71 -31.62
CA ILE A 489 -24.66 -0.67 -31.14
C ILE A 489 -24.15 -0.77 -29.70
N PRO A 490 -23.04 -0.11 -29.30
CA PRO A 490 -22.53 -0.34 -27.93
C PRO A 490 -23.51 -0.02 -26.82
N TYR A 491 -24.29 1.06 -26.95
CA TYR A 491 -25.23 1.42 -25.90
C TYR A 491 -26.32 0.37 -25.75
N ILE A 492 -26.89 -0.07 -26.86
CA ILE A 492 -27.93 -1.09 -26.82
C ILE A 492 -27.37 -2.39 -26.27
N GLN A 493 -26.14 -2.73 -26.65
CA GLN A 493 -25.54 -3.98 -26.18
C GLN A 493 -25.32 -3.96 -24.68
N GLN A 494 -24.77 -2.85 -24.15
CA GLN A 494 -24.55 -2.78 -22.71
C GLN A 494 -25.87 -2.75 -21.94
N ALA A 495 -26.89 -2.07 -22.49
CA ALA A 495 -28.20 -2.09 -21.85
C ALA A 495 -28.79 -3.49 -21.81
N TRP A 496 -28.67 -4.24 -22.91
CA TRP A 496 -29.18 -5.60 -22.94
C TRP A 496 -28.43 -6.50 -21.97
N ILE A 497 -27.11 -6.32 -21.87
CA ILE A 497 -26.35 -7.12 -20.91
C ILE A 497 -26.79 -6.81 -19.48
N LEU A 498 -27.01 -5.53 -19.17
CA LEU A 498 -27.45 -5.17 -17.83
C LEU A 498 -28.90 -5.54 -17.55
N ALA A 499 -29.72 -5.77 -18.58
CA ALA A 499 -31.12 -6.10 -18.39
C ALA A 499 -31.37 -7.60 -18.25
N GLN A 500 -30.35 -8.42 -18.42
CA GLN A 500 -30.49 -9.87 -18.36
C GLN A 500 -30.29 -10.37 -16.93
N ARG A 501 -30.83 -11.55 -16.64
CA ARG A 501 -30.69 -12.19 -15.35
C ARG A 501 -29.84 -13.44 -15.49
N TYR A 502 -28.97 -13.68 -14.50
CA TYR A 502 -27.90 -14.65 -14.62
C TYR A 502 -27.98 -15.71 -13.53
N ASP A 503 -27.41 -16.87 -13.82
CA ASP A 503 -27.35 -17.95 -12.83
C ASP A 503 -26.28 -17.71 -11.78
N ALA A 504 -25.17 -17.06 -12.14
CA ALA A 504 -24.08 -16.81 -11.21
C ALA A 504 -23.41 -15.49 -11.55
N VAL A 505 -23.05 -14.74 -10.51
CA VAL A 505 -22.31 -13.50 -10.65
C VAL A 505 -21.03 -13.65 -9.84
N VAL A 506 -19.89 -13.65 -10.52
CA VAL A 506 -18.58 -13.82 -9.89
C VAL A 506 -17.75 -12.59 -10.21
N ALA A 507 -17.15 -11.99 -9.18
CA ALA A 507 -16.42 -10.75 -9.38
C ALA A 507 -15.39 -10.55 -8.28
N ASN A 508 -14.43 -9.66 -8.57
CA ASN A 508 -13.49 -9.12 -7.59
C ASN A 508 -13.68 -7.61 -7.65
N PRO A 509 -14.57 -7.06 -6.83
CA PRO A 509 -14.98 -5.67 -7.01
C PRO A 509 -13.88 -4.70 -6.64
N PRO A 510 -13.94 -3.46 -7.12
CA PRO A 510 -13.01 -2.43 -6.65
C PRO A 510 -13.26 -2.08 -5.19
N TYR A 511 -12.17 -1.73 -4.50
CA TYR A 511 -12.24 -1.29 -3.11
C TYR A 511 -11.94 0.21 -3.06
N MET A 512 -12.85 0.97 -2.47
CA MET A 512 -12.64 2.42 -2.34
C MET A 512 -13.54 2.93 -1.21
N GLY A 513 -12.92 3.49 -0.17
CA GLY A 513 -13.65 3.97 0.99
C GLY A 513 -14.23 5.35 0.77
N GLY A 514 -14.71 5.93 1.88
CA GLY A 514 -15.35 7.22 1.82
C GLY A 514 -14.42 8.35 1.41
N LYS A 515 -13.16 8.28 1.82
CA LYS A 515 -12.21 9.35 1.48
C LYS A 515 -11.96 9.43 -0.03
N GLY A 516 -11.86 8.28 -0.69
CA GLY A 516 -11.52 8.26 -2.09
C GLY A 516 -12.67 8.58 -3.04
N MET A 517 -13.91 8.35 -2.62
CA MET A 517 -15.04 8.58 -3.49
C MET A 517 -15.30 10.07 -3.67
N ASN A 518 -15.63 10.47 -4.90
CA ASN A 518 -15.89 11.87 -5.20
C ASN A 518 -17.35 12.21 -4.94
N GLY A 519 -17.71 13.46 -5.22
CA GLY A 519 -19.03 13.95 -4.84
C GLY A 519 -20.18 13.29 -5.58
N ASP A 520 -20.04 13.12 -6.89
CA ASP A 520 -21.11 12.53 -7.69
C ASP A 520 -21.35 11.08 -7.28
N LEU A 521 -20.27 10.31 -7.13
CA LEU A 521 -20.41 8.92 -6.70
C LEU A 521 -21.00 8.85 -5.31
N LYS A 522 -20.58 9.75 -4.41
CA LYS A 522 -21.08 9.73 -3.04
C LYS A 522 -22.58 10.04 -2.99
N GLU A 523 -23.04 11.04 -3.76
CA GLU A 523 -24.46 11.36 -3.74
C GLU A 523 -25.29 10.27 -4.40
N PHE A 524 -24.76 9.65 -5.46
CA PHE A 524 -25.46 8.51 -6.06
C PHE A 524 -25.57 7.36 -5.06
N ALA A 525 -24.49 7.08 -4.32
CA ALA A 525 -24.53 6.03 -3.31
C ALA A 525 -25.55 6.35 -2.22
N LYS A 526 -25.58 7.61 -1.78
CA LYS A 526 -26.54 8.01 -0.75
C LYS A 526 -27.97 7.82 -1.24
N LYS A 527 -28.24 8.16 -2.50
CA LYS A 527 -29.60 8.07 -3.00
C LYS A 527 -30.02 6.62 -3.26
N GLN A 528 -29.11 5.79 -3.77
CA GLN A 528 -29.47 4.47 -4.27
C GLN A 528 -29.13 3.32 -3.32
N PHE A 529 -28.08 3.45 -2.51
CA PHE A 529 -27.63 2.37 -1.63
C PHE A 529 -27.50 2.91 -0.21
N PRO A 530 -28.62 3.16 0.47
CA PRO A 530 -28.53 3.68 1.84
C PRO A 530 -27.82 2.75 2.82
N ASP A 531 -27.96 1.44 2.65
CA ASP A 531 -27.38 0.48 3.59
C ASP A 531 -25.93 0.13 3.29
N SER A 532 -25.40 0.52 2.12
CA SER A 532 -24.04 0.15 1.75
C SER A 532 -23.32 1.30 1.05
N LYS A 533 -23.64 2.54 1.42
CA LYS A 533 -23.06 3.70 0.75
C LYS A 533 -21.63 4.01 1.20
N SER A 534 -21.13 3.33 2.24
CA SER A 534 -19.84 3.69 2.81
C SER A 534 -18.65 3.14 2.03
N ASP A 535 -18.86 2.21 1.11
CA ASP A 535 -17.75 1.67 0.35
C ASP A 535 -18.27 1.11 -0.98
N LEU A 536 -17.35 0.99 -1.94
CA LEU A 536 -17.70 0.54 -3.28
C LEU A 536 -17.95 -0.96 -3.33
N PHE A 537 -17.15 -1.74 -2.60
CA PHE A 537 -17.33 -3.20 -2.64
C PHE A 537 -18.67 -3.60 -2.02
N ALA A 538 -19.11 -2.88 -0.98
CA ALA A 538 -20.41 -3.17 -0.40
C ALA A 538 -21.54 -2.87 -1.38
N MET A 539 -21.41 -1.78 -2.15
CA MET A 539 -22.39 -1.47 -3.18
C MET A 539 -22.43 -2.57 -4.25
N PHE A 540 -21.26 -3.04 -4.68
CA PHE A 540 -21.24 -4.14 -5.64
C PHE A 540 -21.87 -5.39 -5.06
N MET A 541 -21.57 -5.69 -3.79
CA MET A 541 -22.12 -6.87 -3.13
C MET A 541 -23.64 -6.82 -3.08
N GLN A 542 -24.20 -5.66 -2.75
CA GLN A 542 -25.65 -5.54 -2.67
C GLN A 542 -26.30 -5.50 -4.05
N HIS A 543 -25.63 -4.90 -5.04
CA HIS A 543 -26.19 -4.78 -6.37
C HIS A 543 -26.15 -6.10 -7.13
N ALA A 544 -25.22 -6.99 -6.78
CA ALA A 544 -25.11 -8.27 -7.50
C ALA A 544 -26.36 -9.12 -7.32
N PHE A 545 -27.06 -8.97 -6.20
CA PHE A 545 -28.26 -9.78 -5.98
C PHE A 545 -29.40 -9.36 -6.89
N SER A 546 -29.43 -8.10 -7.33
CA SER A 546 -30.49 -7.65 -8.23
C SER A 546 -30.31 -8.17 -9.64
N LEU A 547 -29.10 -8.59 -10.01
CA LEU A 547 -28.83 -9.14 -11.33
C LEU A 547 -29.04 -10.65 -11.40
N LEU A 548 -29.32 -11.30 -10.28
CA LEU A 548 -29.49 -12.74 -10.24
C LEU A 548 -30.95 -13.12 -10.40
N LYS A 549 -31.17 -14.29 -11.00
CA LYS A 549 -32.49 -14.89 -11.00
C LYS A 549 -32.69 -15.65 -9.69
N GLU A 550 -33.88 -16.22 -9.51
CA GLU A 550 -34.15 -16.99 -8.31
C GLU A 550 -33.24 -18.21 -8.25
N ASN A 551 -32.79 -18.55 -7.04
CA ASN A 551 -31.89 -19.67 -6.78
C ASN A 551 -30.51 -19.47 -7.40
N GLY A 552 -30.14 -18.21 -7.69
CA GLY A 552 -28.82 -17.93 -8.19
C GLY A 552 -27.77 -17.85 -7.10
N PHE A 553 -26.51 -17.77 -7.53
CA PHE A 553 -25.38 -17.73 -6.62
C PHE A 553 -24.59 -16.45 -6.81
N ASN A 554 -24.19 -15.83 -5.71
CA ASN A 554 -23.33 -14.65 -5.72
C ASN A 554 -22.02 -15.04 -5.04
N ALA A 555 -20.91 -14.99 -5.79
CA ALA A 555 -19.61 -15.42 -5.30
C ALA A 555 -18.62 -14.29 -5.50
N GLN A 556 -18.05 -13.79 -4.41
CA GLN A 556 -17.14 -12.66 -4.50
C GLN A 556 -16.06 -12.75 -3.44
N VAL A 557 -14.93 -12.11 -3.73
CA VAL A 557 -13.85 -11.90 -2.76
C VAL A 557 -13.70 -10.40 -2.54
N ASN A 558 -13.78 -9.97 -1.29
CA ASN A 558 -13.75 -8.54 -1.00
C ASN A 558 -13.18 -8.33 0.40
N MET A 559 -13.30 -7.10 0.89
CA MET A 559 -12.79 -6.75 2.21
C MET A 559 -13.61 -7.43 3.30
N GLN A 560 -12.95 -7.72 4.42
CA GLN A 560 -13.60 -8.37 5.56
C GLN A 560 -14.37 -7.40 6.44
N SER A 561 -14.30 -6.09 6.15
CA SER A 561 -14.85 -5.08 7.04
C SER A 561 -16.35 -5.29 7.26
N TRP A 562 -17.08 -5.65 6.20
CA TRP A 562 -18.53 -5.81 6.32
C TRP A 562 -18.90 -6.91 7.31
N MET A 563 -17.96 -7.80 7.63
CA MET A 563 -18.26 -8.85 8.60
C MET A 563 -18.28 -8.33 10.02
N PHE A 564 -17.56 -7.24 10.31
CA PHE A 564 -17.38 -6.87 11.70
C PHE A 564 -17.73 -5.43 12.03
N LEU A 565 -17.48 -4.49 11.12
CA LEU A 565 -17.65 -3.07 11.43
C LEU A 565 -19.12 -2.72 11.62
N SER A 566 -19.37 -1.69 12.42
CA SER A 566 -20.74 -1.29 12.74
C SER A 566 -21.41 -0.57 11.57
N SER A 567 -20.62 0.07 10.71
CA SER A 567 -21.19 0.80 9.58
C SER A 567 -21.99 -0.10 8.65
N TYR A 568 -21.66 -1.40 8.64
CA TYR A 568 -22.35 -2.36 7.80
C TYR A 568 -23.35 -3.20 8.58
N GLU A 569 -23.62 -2.85 9.84
CA GLU A 569 -24.50 -3.67 10.68
C GLU A 569 -25.84 -3.90 10.00
N ALA A 570 -26.50 -2.83 9.55
CA ALA A 570 -27.78 -2.97 8.85
C ALA A 570 -27.65 -3.92 7.67
N LEU A 571 -26.58 -3.75 6.89
CA LEU A 571 -26.34 -4.63 5.75
C LEU A 571 -26.36 -6.09 6.18
N ARG A 572 -25.65 -6.40 7.28
CA ARG A 572 -25.61 -7.77 7.76
C ARG A 572 -27.01 -8.29 8.06
N GLY A 573 -27.84 -7.45 8.70
CA GLY A 573 -29.22 -7.86 8.94
C GLY A 573 -29.93 -8.21 7.66
N TRP A 574 -29.79 -7.36 6.64
CA TRP A 574 -30.43 -7.62 5.36
C TRP A 574 -29.93 -8.91 4.75
N LEU A 575 -28.69 -9.29 5.04
CA LEU A 575 -28.17 -10.56 4.54
C LEU A 575 -28.72 -11.75 5.31
N LEU A 576 -28.97 -11.58 6.61
CA LEU A 576 -29.35 -12.71 7.45
C LEU A 576 -30.85 -12.99 7.44
N ASP A 577 -31.65 -12.13 6.82
CA ASP A 577 -33.09 -12.32 6.75
C ASP A 577 -33.60 -12.64 5.34
N ASN A 578 -32.74 -12.56 4.33
CA ASN A 578 -33.17 -12.78 2.96
C ASN A 578 -32.29 -13.72 2.16
N LYS A 579 -31.04 -13.94 2.55
CA LYS A 579 -30.10 -14.74 1.78
C LYS A 579 -29.65 -15.94 2.60
N THR A 580 -28.91 -16.85 1.94
CA THR A 580 -28.41 -18.05 2.57
C THR A 580 -26.90 -18.13 2.34
N PHE A 581 -26.14 -18.21 3.43
CA PHE A 581 -24.70 -18.39 3.32
C PHE A 581 -24.38 -19.83 2.93
N ILE A 582 -23.65 -19.99 1.84
CA ILE A 582 -23.28 -21.32 1.39
C ILE A 582 -21.89 -21.67 1.89
N THR A 583 -20.90 -20.85 1.56
CA THR A 583 -19.55 -21.14 2.02
C THR A 583 -18.73 -19.87 2.09
N MET A 584 -17.68 -19.90 2.91
CA MET A 584 -16.80 -18.76 3.07
C MET A 584 -15.41 -19.21 3.48
N ALA A 585 -14.40 -18.56 2.90
CA ALA A 585 -13.01 -18.73 3.27
C ALA A 585 -12.47 -17.37 3.71
N HIS A 586 -12.10 -17.27 4.99
CA HIS A 586 -11.59 -16.03 5.56
C HIS A 586 -10.07 -16.03 5.39
N LEU A 587 -9.57 -15.09 4.59
CA LEU A 587 -8.17 -15.09 4.19
C LEU A 587 -7.30 -14.14 5.00
N GLY A 588 -7.85 -13.02 5.48
CA GLY A 588 -7.05 -12.10 6.24
C GLY A 588 -6.00 -11.40 5.38
N ALA A 589 -4.89 -11.04 6.01
CA ALA A 589 -3.82 -10.34 5.34
C ALA A 589 -2.84 -11.33 4.70
N ARG A 590 -1.87 -10.78 3.96
CA ARG A 590 -0.79 -11.48 3.28
C ARG A 590 -1.26 -12.35 2.12
N ALA A 591 -2.57 -12.43 1.87
CA ALA A 591 -3.05 -12.95 0.60
C ALA A 591 -2.83 -11.87 -0.47
N PHE A 592 -3.17 -12.21 -1.71
CA PHE A 592 -2.95 -11.30 -2.84
C PHE A 592 -1.47 -10.92 -2.95
N GLY A 593 -0.66 -11.93 -3.26
CA GLY A 593 0.74 -11.70 -3.54
C GLY A 593 0.94 -10.58 -4.56
N GLN A 594 2.09 -9.90 -4.48
CA GLN A 594 2.42 -8.67 -5.20
C GLN A 594 1.73 -7.47 -4.58
N ILE A 595 1.13 -7.61 -3.41
CA ILE A 595 0.55 -6.51 -2.65
C ILE A 595 1.11 -6.54 -1.24
N SER A 596 1.63 -5.41 -0.78
CA SER A 596 2.23 -5.31 0.54
C SER A 596 1.35 -4.51 1.47
N GLY A 597 1.59 -4.67 2.77
CA GLY A 597 0.84 -3.99 3.79
C GLY A 597 -0.24 -4.86 4.39
N GLU A 598 -0.95 -4.28 5.37
CA GLU A 598 -2.03 -4.98 6.06
C GLU A 598 -3.37 -4.25 5.94
N VAL A 599 -3.48 -3.27 5.04
CA VAL A 599 -4.76 -2.62 4.81
C VAL A 599 -5.73 -3.57 4.11
N VAL A 600 -5.23 -4.32 3.13
CA VAL A 600 -6.06 -5.21 2.34
C VAL A 600 -6.12 -6.56 3.07
N GLN A 601 -7.24 -6.80 3.75
CA GLN A 601 -7.52 -8.09 4.36
C GLN A 601 -8.88 -8.56 3.83
N THR A 602 -8.90 -9.74 3.23
CA THR A 602 -10.00 -10.15 2.37
C THR A 602 -10.66 -11.43 2.85
N THR A 603 -11.80 -11.71 2.23
CA THR A 603 -12.57 -12.93 2.44
C THR A 603 -13.30 -13.26 1.16
N ALA A 604 -13.43 -14.56 0.87
CA ALA A 604 -14.07 -15.03 -0.36
C ALA A 604 -15.27 -15.90 0.00
N TRP A 605 -16.44 -15.55 -0.52
CA TRP A 605 -17.67 -16.17 -0.09
C TRP A 605 -18.56 -16.50 -1.28
N VAL A 606 -19.41 -17.51 -1.08
CA VAL A 606 -20.49 -17.88 -1.99
C VAL A 606 -21.78 -17.89 -1.19
N ILE A 607 -22.78 -17.13 -1.66
CA ILE A 607 -24.05 -16.92 -0.98
C ILE A 607 -25.18 -17.18 -1.96
N LYS A 608 -26.21 -17.89 -1.51
CA LYS A 608 -27.35 -18.19 -2.35
C LYS A 608 -28.38 -17.05 -2.30
N ASN A 609 -29.23 -17.01 -3.32
CA ASN A 609 -30.23 -15.95 -3.45
C ASN A 609 -31.54 -16.27 -2.75
N ASN A 610 -31.68 -17.44 -2.15
CA ASN A 610 -32.86 -17.80 -1.38
C ASN A 610 -32.58 -17.65 0.11
N HIS A 611 -33.62 -17.84 0.91
CA HIS A 611 -33.53 -17.72 2.36
C HIS A 611 -33.83 -19.06 3.02
N SER A 612 -32.95 -19.46 3.94
CA SER A 612 -33.20 -20.63 4.79
C SER A 612 -32.37 -20.44 6.04
N GLY A 613 -33.01 -20.13 7.16
CA GLY A 613 -32.32 -19.75 8.38
C GLY A 613 -31.69 -20.89 9.15
N PHE A 614 -32.03 -22.14 8.84
CA PHE A 614 -31.50 -23.29 9.54
C PHE A 614 -30.40 -24.01 8.76
N TYR A 615 -29.91 -23.40 7.69
CA TYR A 615 -28.81 -23.97 6.93
C TYR A 615 -27.50 -23.85 7.71
N LYS A 616 -26.63 -24.85 7.54
CA LYS A 616 -25.33 -24.86 8.21
C LYS A 616 -24.24 -24.59 7.19
N PRO A 617 -23.63 -23.40 7.20
CA PRO A 617 -22.55 -23.11 6.25
C PRO A 617 -21.25 -23.78 6.66
N VAL A 618 -20.27 -23.69 5.76
CA VAL A 618 -18.93 -24.22 5.98
C VAL A 618 -17.94 -23.05 5.93
N PHE A 619 -17.16 -22.90 7.00
CA PHE A 619 -16.20 -21.82 7.10
C PHE A 619 -14.78 -22.36 7.20
N PHE A 620 -13.84 -21.63 6.61
CA PHE A 620 -12.42 -21.95 6.69
C PHE A 620 -11.68 -20.74 7.22
N ARG A 621 -10.83 -20.97 8.22
CA ARG A 621 -10.06 -19.89 8.84
C ARG A 621 -8.62 -20.01 8.36
N LEU A 622 -8.24 -19.14 7.41
CA LEU A 622 -6.93 -19.18 6.80
C LEU A 622 -6.22 -17.84 6.97
N VAL A 623 -6.24 -17.31 8.19
CA VAL A 623 -5.85 -15.91 8.40
C VAL A 623 -4.35 -15.77 8.51
N ASP A 624 -3.69 -16.61 9.31
CA ASP A 624 -2.31 -16.38 9.71
C ASP A 624 -1.36 -17.31 8.94
N ASP A 625 -1.00 -16.89 7.74
CA ASP A 625 0.03 -17.53 6.92
C ASP A 625 0.29 -16.65 5.70
N ASN A 626 1.13 -17.13 4.79
CA ASN A 626 1.32 -16.50 3.49
C ASN A 626 0.47 -17.22 2.45
N GLU A 627 0.56 -16.74 1.20
CA GLU A 627 -0.37 -17.20 0.17
C GLU A 627 -0.24 -18.69 -0.12
N GLU A 628 0.99 -19.19 -0.21
CA GLU A 628 1.19 -20.61 -0.51
C GLU A 628 0.64 -21.49 0.61
N HIS A 629 0.87 -21.11 1.86
CA HIS A 629 0.35 -21.88 2.98
C HIS A 629 -1.17 -21.82 3.03
N LYS A 630 -1.76 -20.67 2.71
CA LYS A 630 -3.21 -20.58 2.64
C LYS A 630 -3.78 -21.51 1.57
N LYS A 631 -3.16 -21.53 0.40
CA LYS A 631 -3.61 -22.43 -0.67
C LYS A 631 -3.50 -23.89 -0.25
N ASN A 632 -2.37 -24.25 0.38
CA ASN A 632 -2.20 -25.63 0.81
C ASN A 632 -3.21 -26.03 1.88
N ASN A 633 -3.50 -25.11 2.81
CA ASN A 633 -4.49 -25.39 3.84
C ASN A 633 -5.88 -25.55 3.23
N LEU A 634 -6.23 -24.71 2.24
CA LEU A 634 -7.53 -24.83 1.61
C LEU A 634 -7.64 -26.13 0.82
N LEU A 635 -6.55 -26.57 0.18
CA LEU A 635 -6.58 -27.83 -0.56
C LEU A 635 -6.77 -29.02 0.37
N ASN A 636 -6.30 -28.93 1.62
CA ASN A 636 -6.41 -30.02 2.58
C ASN A 636 -7.63 -29.88 3.49
N ARG A 637 -8.46 -28.86 3.28
CA ARG A 637 -9.68 -28.65 4.07
C ARG A 637 -9.36 -28.52 5.57
N MET A 638 -8.36 -27.71 5.87
CA MET A 638 -7.95 -27.49 7.25
C MET A 638 -8.66 -26.29 7.85
N ASN A 639 -8.78 -26.30 9.18
CA ASN A 639 -9.42 -25.23 9.94
C ASN A 639 -10.85 -24.99 9.48
N CYS A 640 -11.69 -26.01 9.68
CA CYS A 640 -13.06 -26.02 9.20
C CYS A 640 -14.03 -25.91 10.37
N PHE A 641 -15.08 -25.12 10.18
CA PHE A 641 -16.15 -24.93 11.16
C PHE A 641 -17.48 -25.23 10.50
N LYS A 642 -18.22 -26.20 11.04
CA LYS A 642 -19.49 -26.62 10.44
C LYS A 642 -20.56 -26.90 11.49
N ASN A 643 -20.55 -26.18 12.61
CA ASN A 643 -21.47 -26.44 13.70
C ASN A 643 -22.14 -25.16 14.18
N THR A 644 -22.66 -24.38 13.23
CA THR A 644 -23.35 -23.14 13.57
C THR A 644 -24.46 -22.89 12.57
N LEU A 645 -25.68 -22.75 13.06
CA LEU A 645 -26.80 -22.36 12.21
C LEU A 645 -26.67 -20.89 11.82
N GLN A 646 -27.32 -20.54 10.71
CA GLN A 646 -27.26 -19.17 10.23
C GLN A 646 -27.97 -18.21 11.17
N ASN A 647 -29.05 -18.66 11.82
CA ASN A 647 -29.75 -17.80 12.78
C ASN A 647 -28.92 -17.50 14.00
N ASP A 648 -27.99 -18.39 14.37
CA ASP A 648 -27.22 -18.23 15.59
C ASP A 648 -26.34 -16.99 15.57
N PHE A 649 -26.08 -16.42 14.39
CA PHE A 649 -25.32 -15.19 14.30
C PHE A 649 -26.06 -13.99 14.86
N LYS A 650 -27.37 -14.10 15.08
CA LYS A 650 -28.17 -12.98 15.56
C LYS A 650 -28.26 -12.90 17.07
N LYS A 651 -27.59 -13.81 17.80
CA LYS A 651 -27.63 -13.74 19.26
C LYS A 651 -26.80 -12.58 19.79
N ILE A 652 -25.63 -12.35 19.21
CA ILE A 652 -24.78 -11.23 19.62
C ILE A 652 -25.33 -9.95 19.01
N PRO A 653 -25.51 -8.88 19.79
CA PRO A 653 -26.00 -7.62 19.22
C PRO A 653 -25.05 -7.10 18.14
N GLY A 654 -25.64 -6.57 17.07
CA GLY A 654 -24.89 -6.18 15.90
C GLY A 654 -24.73 -7.29 14.87
N SER A 655 -24.99 -8.54 15.25
CA SER A 655 -24.90 -9.69 14.37
C SER A 655 -23.57 -9.79 13.61
N PRO A 656 -22.44 -9.85 14.30
CA PRO A 656 -21.18 -10.10 13.61
C PRO A 656 -21.09 -11.55 13.17
N ILE A 657 -20.32 -11.78 12.11
CA ILE A 657 -20.05 -13.14 11.63
C ILE A 657 -18.80 -13.60 12.35
N ALA A 658 -18.99 -14.14 13.56
CA ALA A 658 -17.92 -14.70 14.38
C ALA A 658 -18.14 -16.21 14.42
N TYR A 659 -17.62 -16.90 13.40
CA TYR A 659 -17.87 -18.33 13.24
C TYR A 659 -17.03 -19.19 14.17
N TRP A 660 -15.88 -18.68 14.62
CA TRP A 660 -14.93 -19.48 15.39
C TRP A 660 -15.08 -19.29 16.89
N ALA A 661 -16.06 -18.51 17.33
CA ALA A 661 -16.28 -18.34 18.77
C ALA A 661 -16.91 -19.59 19.37
N THR A 662 -16.54 -19.87 20.63
CA THR A 662 -17.07 -21.02 21.34
C THR A 662 -18.36 -20.65 22.08
N LEU A 663 -19.19 -21.67 22.32
CA LEU A 663 -20.48 -21.44 22.96
C LEU A 663 -20.32 -20.93 24.39
N ALA A 664 -19.36 -21.49 25.14
CA ALA A 664 -19.15 -21.05 26.52
C ALA A 664 -18.72 -19.60 26.57
N PHE A 665 -17.83 -19.18 25.65
CA PHE A 665 -17.41 -17.80 25.61
C PHE A 665 -18.59 -16.87 25.31
N ILE A 666 -19.45 -17.27 24.37
CA ILE A 666 -20.61 -16.44 24.03
C ILE A 666 -21.53 -16.31 25.23
N ASN A 667 -21.79 -17.42 25.92
CA ASN A 667 -22.65 -17.38 27.10
C ASN A 667 -22.07 -16.47 28.18
N SER A 668 -20.75 -16.56 28.42
CA SER A 668 -20.14 -15.69 29.41
C SER A 668 -20.17 -14.23 28.98
N PHE A 669 -19.99 -13.98 27.68
CA PHE A 669 -19.93 -12.62 27.17
C PHE A 669 -21.29 -11.93 27.25
N LEU A 670 -22.37 -12.67 27.01
CA LEU A 670 -23.70 -12.05 27.00
C LEU A 670 -24.08 -11.53 28.38
N LYS A 671 -23.87 -12.33 29.42
CA LYS A 671 -24.27 -11.96 30.78
C LYS A 671 -23.08 -11.42 31.56
N LEU A 672 -22.60 -10.25 31.12
CA LEU A 672 -21.45 -9.64 31.79
C LEU A 672 -21.47 -8.14 31.54
N PRO A 673 -21.22 -7.31 32.55
CA PRO A 673 -21.25 -5.86 32.34
C PRO A 673 -20.17 -5.40 31.37
N ALA A 674 -20.47 -4.33 30.65
CA ALA A 674 -19.56 -3.78 29.66
C ALA A 674 -18.87 -2.53 30.20
N LEU A 675 -17.83 -2.10 29.47
CA LEU A 675 -17.09 -0.92 29.89
C LEU A 675 -17.94 0.34 29.83
N GLY A 676 -18.79 0.46 28.82
CA GLY A 676 -19.70 1.58 28.73
C GLY A 676 -19.04 2.85 28.24
N THR A 677 -19.67 3.98 28.56
CA THR A 677 -19.24 5.30 28.11
C THR A 677 -18.01 5.81 28.83
N ARG A 678 -17.29 4.97 29.58
CA ARG A 678 -16.06 5.42 30.22
C ARG A 678 -14.97 5.73 29.19
N ALA A 679 -15.03 5.09 28.02
CA ALA A 679 -14.01 5.29 26.99
C ALA A 679 -14.41 6.44 26.08
N VAL A 680 -13.46 7.35 25.84
CA VAL A 680 -13.69 8.54 25.04
C VAL A 680 -12.56 8.71 24.04
N LYS A 681 -12.81 9.54 23.02
CA LYS A 681 -11.86 9.77 21.96
C LYS A 681 -11.02 11.02 22.23
N GLY A 682 -9.77 10.97 21.78
CA GLY A 682 -8.82 12.03 22.06
C GLY A 682 -8.89 13.19 21.07
N LEU A 683 -8.04 14.18 21.32
CA LEU A 683 -8.02 15.39 20.51
C LEU A 683 -7.31 15.14 19.18
N ASP A 684 -7.31 16.15 18.32
CA ASP A 684 -6.72 16.04 17.00
C ASP A 684 -6.49 17.43 16.44
N THR A 685 -5.28 17.68 15.97
CA THR A 685 -5.01 18.91 15.23
C THR A 685 -5.63 18.82 13.84
N ASN A 686 -5.92 19.98 13.26
CA ASN A 686 -6.60 20.02 11.98
C ASN A 686 -5.76 19.33 10.89
N GLY A 687 -4.62 19.92 10.55
CA GLY A 687 -3.70 19.27 9.62
C GLY A 687 -2.25 19.53 9.96
N SER A 688 -1.96 19.80 11.23
CA SER A 688 -0.67 20.34 11.66
C SER A 688 -0.04 19.49 12.74
N ILE A 689 0.05 18.18 12.50
CA ILE A 689 0.63 17.28 13.50
C ILE A 689 2.10 17.63 13.76
N ASP A 690 2.81 18.10 12.74
CA ASP A 690 4.22 18.41 12.85
C ASP A 690 4.49 19.82 13.39
N VAL A 691 3.44 20.61 13.63
CA VAL A 691 3.61 21.99 14.07
C VAL A 691 3.45 22.07 15.59
N PHE A 692 2.63 21.19 16.15
CA PHE A 692 2.28 21.27 17.57
C PHE A 692 2.86 20.16 18.43
N LEU A 693 3.40 19.09 17.83
CA LEU A 693 3.91 17.96 18.58
C LEU A 693 5.42 17.83 18.42
N ARG A 694 6.09 17.57 19.54
CA ARG A 694 7.52 17.34 19.57
C ARG A 694 7.82 16.11 20.40
N ARG A 695 9.06 15.63 20.31
CA ARG A 695 9.58 14.70 21.29
C ARG A 695 10.17 15.48 22.45
N TRP A 696 10.05 14.92 23.66
CA TRP A 696 10.39 15.69 24.85
C TRP A 696 11.85 16.18 24.89
N PRO A 697 12.87 15.41 24.48
CA PRO A 697 14.24 15.88 24.69
C PRO A 697 14.62 17.14 23.93
N GLU A 698 13.88 17.53 22.90
CA GLU A 698 14.33 18.58 21.99
C GLU A 698 13.83 19.97 22.35
N VAL A 699 13.27 20.16 23.55
CA VAL A 699 12.86 21.48 24.02
C VAL A 699 13.50 21.73 25.38
N SER A 700 13.43 22.99 25.81
CA SER A 700 13.94 23.37 27.12
C SER A 700 13.03 22.83 28.21
N ILE A 701 13.63 22.40 29.32
CA ILE A 701 12.84 21.84 30.42
C ILE A 701 12.20 22.89 31.30
N ASN A 702 12.62 24.15 31.19
CA ASN A 702 11.95 25.22 31.94
C ASN A 702 10.54 25.46 31.44
N SER A 703 10.30 25.22 30.15
CA SER A 703 8.96 25.33 29.57
C SER A 703 8.21 24.01 29.57
N PHE A 704 8.78 22.95 30.14
CA PHE A 704 8.15 21.65 30.21
C PHE A 704 7.34 21.55 31.50
N ASP A 705 6.05 21.22 31.37
CA ASP A 705 5.17 21.19 32.53
C ASP A 705 5.52 20.07 33.50
N ALA A 706 5.96 18.92 32.99
CA ALA A 706 6.25 17.78 33.86
C ALA A 706 7.46 18.04 34.75
N LEU A 707 8.41 18.85 34.28
CA LEU A 707 9.63 19.13 35.03
C LEU A 707 9.69 20.54 35.58
N GLY A 708 9.36 21.55 34.76
CA GLY A 708 9.46 22.93 35.18
C GLY A 708 8.33 23.34 36.11
N LYS A 709 8.42 24.57 36.60
CA LYS A 709 7.45 25.14 37.52
C LYS A 709 6.96 26.47 36.99
N GLY A 710 5.73 26.82 37.33
CA GLY A 710 5.15 28.09 36.94
C GLY A 710 4.67 28.11 35.50
N ASN A 711 5.38 28.83 34.64
CA ASN A 711 5.01 28.88 33.24
C ASN A 711 5.17 27.52 32.58
N SER A 712 4.19 27.15 31.76
CA SER A 712 4.21 25.86 31.08
C SER A 712 3.67 26.04 29.67
N LYS A 713 4.50 25.76 28.68
CA LYS A 713 4.09 25.77 27.28
C LYS A 713 3.91 24.37 26.71
N TRP A 714 4.64 23.39 27.21
CA TRP A 714 4.66 22.04 26.66
C TRP A 714 4.08 21.07 27.68
N PHE A 715 3.17 20.21 27.23
CA PHE A 715 2.50 19.25 28.10
C PHE A 715 2.62 17.84 27.54
N PRO A 716 2.82 16.84 28.40
CA PRO A 716 2.89 15.46 27.92
C PRO A 716 1.58 15.03 27.29
N ILE A 717 1.66 14.19 26.27
CA ILE A 717 0.48 13.70 25.58
C ILE A 717 0.66 12.22 25.27
N ALA A 718 -0.40 11.45 25.44
CA ALA A 718 -0.41 10.03 25.10
C ALA A 718 -0.86 9.87 23.65
N LYS A 719 -0.03 9.22 22.84
CA LYS A 719 -0.27 9.14 21.40
C LYS A 719 -0.28 7.71 20.88
N GLY A 720 -0.30 6.71 21.76
CA GLY A 720 -0.33 5.33 21.31
C GLY A 720 1.02 4.65 21.43
N GLY A 721 1.56 4.18 20.31
CA GLY A 721 2.83 3.51 20.28
C GLY A 721 2.68 2.01 20.10
N GLU A 722 3.80 1.31 20.25
CA GLU A 722 3.83 -0.13 20.06
C GLU A 722 3.28 -0.84 21.31
N LEU A 723 3.23 -2.17 21.23
CA LEU A 723 2.64 -2.96 22.31
C LEU A 723 3.41 -2.78 23.61
N ARG A 724 2.68 -2.48 24.68
CA ARG A 724 3.25 -2.20 25.99
C ARG A 724 2.13 -2.16 27.00
N LYS A 725 2.35 -2.75 28.18
CA LYS A 725 1.30 -2.94 29.16
C LYS A 725 1.65 -2.26 30.49
N TRP A 726 0.66 -1.60 31.07
CA TRP A 726 0.61 -1.05 32.42
C TRP A 726 1.44 0.21 32.63
N PHE A 727 2.33 0.54 31.70
CA PHE A 727 3.11 1.77 31.79
C PHE A 727 4.04 1.92 30.58
N GLY A 728 4.31 3.16 30.17
CA GLY A 728 5.31 3.42 29.15
C GLY A 728 4.77 4.30 28.05
N ASN A 729 5.56 4.39 26.98
CA ASN A 729 5.23 5.20 25.81
C ASN A 729 5.04 6.67 26.17
N HIS A 730 5.89 7.17 27.07
CA HIS A 730 5.89 8.59 27.45
C HIS A 730 7.00 9.29 26.67
N GLU A 731 6.67 9.72 25.44
CA GLU A 731 7.67 10.27 24.56
C GLU A 731 7.22 11.47 23.73
N TYR A 732 6.00 11.97 23.89
CA TYR A 732 5.50 13.03 23.03
C TYR A 732 4.93 14.18 23.85
N ILE A 733 5.20 15.40 23.40
CA ILE A 733 4.78 16.62 24.06
C ILE A 733 4.03 17.48 23.06
N ILE A 734 3.06 18.25 23.55
CA ILE A 734 2.22 19.09 22.71
C ILE A 734 2.23 20.52 23.26
N ASN A 735 2.04 21.47 22.37
CA ASN A 735 2.01 22.90 22.72
C ASN A 735 0.58 23.25 23.11
N TYR A 736 0.36 23.55 24.39
CA TYR A 736 -0.96 23.85 24.93
C TYR A 736 -0.90 25.10 25.79
N GLU A 737 -0.11 26.09 25.36
CA GLU A 737 0.06 27.30 26.15
C GLU A 737 -1.19 28.17 26.11
N ASN A 738 -1.52 28.75 27.26
CA ASN A 738 -2.70 29.61 27.42
C ASN A 738 -3.97 28.87 27.01
N ASP A 739 -4.13 27.66 27.55
CA ASP A 739 -5.29 26.81 27.28
C ASP A 739 -5.46 26.54 25.79
N GLY A 740 -4.34 26.35 25.09
CA GLY A 740 -4.39 26.00 23.68
C GLY A 740 -4.98 27.08 22.79
N ILE A 741 -4.57 28.33 22.99
CA ILE A 741 -5.08 29.42 22.15
C ILE A 741 -4.63 29.24 20.71
N GLU A 742 -3.38 28.82 20.51
CA GLU A 742 -2.87 28.59 19.16
C GLU A 742 -3.55 27.39 18.51
N LEU A 743 -3.89 26.36 19.29
CA LEU A 743 -4.65 25.24 18.75
C LEU A 743 -6.06 25.67 18.35
N ARG A 744 -6.70 26.51 19.17
CA ARG A 744 -8.04 26.96 18.86
C ARG A 744 -8.05 27.90 17.65
N LYS A 745 -6.98 28.66 17.44
CA LYS A 745 -6.87 29.47 16.24
C LYS A 745 -6.72 28.61 14.99
N ASN A 746 -6.25 27.37 15.13
CA ASN A 746 -6.06 26.47 14.01
C ASN A 746 -7.29 25.60 13.74
N LYS A 747 -8.38 25.82 14.47
CA LYS A 747 -9.61 25.04 14.33
C LYS A 747 -9.35 23.55 14.62
N ALA A 748 -8.62 23.29 15.70
CA ALA A 748 -8.34 21.93 16.12
C ALA A 748 -9.55 21.31 16.79
N ASN A 749 -9.66 19.99 16.69
CA ASN A 749 -10.76 19.24 17.29
C ASN A 749 -10.35 18.83 18.70
N LEU A 750 -10.72 19.66 19.68
CA LEU A 750 -10.40 19.39 21.08
C LEU A 750 -11.57 18.63 21.71
N ARG A 751 -11.57 17.32 21.50
CA ARG A 751 -12.65 16.47 21.99
C ARG A 751 -12.46 16.14 23.46
N ASN A 752 -13.56 16.22 24.22
CA ASN A 752 -13.59 15.86 25.64
C ASN A 752 -12.58 16.69 26.44
N LYS A 753 -12.75 18.01 26.37
CA LYS A 753 -11.83 18.92 27.05
C LYS A 753 -11.91 18.79 28.56
N ASP A 754 -13.09 18.49 29.11
CA ASP A 754 -13.27 18.45 30.55
C ASP A 754 -12.54 17.29 31.21
N MET A 755 -12.08 16.31 30.44
CA MET A 755 -11.38 15.15 30.98
C MET A 755 -9.87 15.30 30.95
N TYR A 756 -9.36 16.44 30.52
CA TYR A 756 -7.91 16.63 30.43
C TYR A 756 -7.29 16.73 31.81
N PHE A 757 -6.03 16.30 31.90
CA PHE A 757 -5.22 16.36 33.12
C PHE A 757 -5.77 15.48 34.24
N GLN A 758 -6.54 14.45 33.90
CA GLN A 758 -7.04 13.48 34.87
C GLN A 758 -6.31 12.15 34.68
N GLU A 759 -6.35 11.33 35.72
CA GLU A 759 -5.73 10.01 35.65
C GLU A 759 -6.71 9.00 35.09
N GLY A 760 -6.16 7.98 34.41
CA GLY A 760 -6.99 6.94 33.82
C GLY A 760 -6.19 5.89 33.10
N GLY A 761 -6.75 5.36 32.01
CA GLY A 761 -6.05 4.40 31.19
C GLY A 761 -6.07 4.84 29.74
N THR A 762 -5.13 4.30 28.96
CA THR A 762 -5.00 4.66 27.56
C THR A 762 -4.57 3.43 26.76
N TRP A 763 -5.09 3.31 25.54
CA TRP A 763 -4.77 2.20 24.66
C TRP A 763 -4.39 2.73 23.28
N THR A 764 -3.85 1.84 22.45
CA THR A 764 -3.43 2.19 21.10
C THR A 764 -4.53 1.80 20.12
N VAL A 765 -5.03 2.79 19.37
CA VAL A 765 -6.15 2.54 18.48
C VAL A 765 -5.73 1.69 17.28
N VAL A 766 -4.60 2.01 16.68
CA VAL A 766 -4.12 1.30 15.49
C VAL A 766 -3.04 0.32 15.93
N SER A 767 -3.32 -0.97 15.77
CA SER A 767 -2.39 -2.00 16.19
C SER A 767 -2.69 -3.28 15.44
N THR A 768 -1.67 -4.12 15.30
CA THR A 768 -1.81 -5.44 14.68
C THR A 768 -1.23 -6.55 15.55
N THR A 769 -0.81 -6.24 16.78
CA THR A 769 -0.17 -7.22 17.65
C THR A 769 -1.00 -7.58 18.87
N GLY A 770 -2.16 -6.96 19.06
CA GLY A 770 -3.01 -7.25 20.18
C GLY A 770 -3.40 -5.99 20.94
N PHE A 771 -4.21 -6.19 21.98
CA PHE A 771 -4.75 -5.10 22.77
C PHE A 771 -3.98 -4.97 24.08
N SER A 772 -3.71 -3.72 24.47
CA SER A 772 -3.03 -3.44 25.72
C SER A 772 -3.45 -2.06 26.22
N MET A 773 -3.47 -1.90 27.53
CA MET A 773 -3.85 -0.63 28.16
C MET A 773 -2.81 -0.25 29.20
N ARG A 774 -2.52 1.04 29.29
CA ARG A 774 -1.50 1.57 30.16
C ARG A 774 -2.07 2.64 31.08
N TYR A 775 -1.53 2.71 32.29
CA TYR A 775 -1.94 3.71 33.26
C TYR A 775 -1.46 5.10 32.84
N MET A 776 -2.32 6.10 33.03
CA MET A 776 -2.01 7.48 32.66
C MET A 776 -2.16 8.36 33.89
N PRO A 777 -1.09 8.97 34.38
CA PRO A 777 -1.18 9.81 35.58
C PRO A 777 -1.74 11.18 35.26
N LYS A 778 -1.82 12.02 36.29
CA LYS A 778 -2.36 13.36 36.16
C LYS A 778 -1.39 14.25 35.37
N GLY A 779 -1.96 15.28 34.73
CA GLY A 779 -1.18 16.21 33.96
C GLY A 779 -0.93 15.81 32.52
N PHE A 780 -1.72 14.87 31.99
CA PHE A 780 -1.54 14.36 30.64
C PHE A 780 -2.72 14.73 29.75
N LEU A 781 -2.44 14.98 28.48
CA LEU A 781 -3.44 15.01 27.44
C LEU A 781 -3.40 13.69 26.68
N PHE A 782 -4.43 13.44 25.88
CA PHE A 782 -4.49 12.23 25.08
C PHE A 782 -4.93 12.56 23.66
N ASP A 783 -4.28 11.91 22.70
CA ASP A 783 -4.53 12.11 21.28
C ASP A 783 -5.60 11.14 20.80
N GLN A 784 -6.00 11.29 19.53
CA GLN A 784 -7.00 10.39 18.97
C GLN A 784 -6.47 8.97 18.86
N GLY A 785 -5.18 8.81 18.58
CA GLY A 785 -4.56 7.51 18.59
C GLY A 785 -4.26 6.96 19.97
N GLY A 786 -4.41 7.78 20.99
CA GLY A 786 -4.19 7.38 22.37
C GLY A 786 -5.43 7.53 23.24
N SER A 787 -6.58 7.10 22.72
CA SER A 787 -7.84 7.30 23.42
C SER A 787 -7.79 6.75 24.84
N ALA A 788 -8.64 7.30 25.71
CA ALA A 788 -8.50 7.11 27.14
C ALA A 788 -9.79 6.57 27.76
N VAL A 789 -9.64 6.05 28.98
CA VAL A 789 -10.74 5.54 29.78
C VAL A 789 -10.68 6.23 31.14
N PHE A 790 -11.83 6.72 31.61
CA PHE A 790 -11.91 7.40 32.90
C PHE A 790 -13.03 6.80 33.74
N CYS A 791 -12.84 6.82 35.05
CA CYS A 791 -13.85 6.33 35.99
C CYS A 791 -14.80 7.45 36.39
N GLU A 792 -16.02 7.05 36.76
CA GLU A 792 -17.05 8.00 37.14
C GLU A 792 -16.72 8.65 38.48
N ASN A 793 -17.60 9.55 38.93
CA ASN A 793 -17.38 10.24 40.19
C ASN A 793 -17.38 9.27 41.36
N ASN A 794 -18.34 8.34 41.38
CA ASN A 794 -18.38 7.31 42.43
C ASN A 794 -19.00 6.06 41.80
N ASP A 795 -18.15 5.16 41.34
CA ASP A 795 -18.58 3.92 40.72
C ASP A 795 -17.89 2.75 41.40
N GLU A 796 -18.50 1.57 41.27
CA GLU A 796 -18.01 0.37 41.93
C GLU A 796 -16.69 -0.13 41.35
N LEU A 797 -16.25 0.40 40.22
CA LEU A 797 -15.03 -0.04 39.57
C LEU A 797 -13.96 1.04 39.70
N SER A 798 -12.78 0.64 40.16
CA SER A 798 -11.63 1.53 40.18
C SER A 798 -10.83 1.36 38.89
N ILE A 799 -9.93 2.32 38.65
CA ILE A 799 -9.13 2.28 37.44
C ILE A 799 -8.17 1.09 37.45
N TYR A 800 -7.66 0.71 38.63
CA TYR A 800 -6.74 -0.41 38.71
C TYR A 800 -7.42 -1.73 38.37
N ASN A 801 -8.67 -1.91 38.80
CA ASN A 801 -9.41 -3.11 38.44
C ASN A 801 -9.64 -3.18 36.93
N ILE A 802 -9.97 -2.05 36.31
CA ILE A 802 -10.14 -2.01 34.86
C ILE A 802 -8.84 -2.35 34.16
N LEU A 803 -7.72 -1.81 34.64
CA LEU A 803 -6.43 -2.12 34.05
C LEU A 803 -6.09 -3.59 34.18
N ALA A 804 -6.39 -4.19 35.35
CA ALA A 804 -6.14 -5.62 35.53
C ALA A 804 -6.98 -6.46 34.58
N CYS A 805 -8.25 -6.09 34.39
CA CYS A 805 -9.10 -6.84 33.49
C CYS A 805 -8.65 -6.71 32.04
N MET A 806 -8.33 -5.50 31.60
CA MET A 806 -8.06 -5.24 30.19
C MET A 806 -6.77 -5.89 29.71
N ASN A 807 -5.85 -6.24 30.61
CA ASN A 807 -4.58 -6.84 30.24
C ASN A 807 -4.57 -8.35 30.44
N SER A 808 -5.72 -8.97 30.66
CA SER A 808 -5.82 -10.41 30.86
C SER A 808 -6.00 -11.13 29.52
N LYS A 809 -5.91 -12.46 29.57
CA LYS A 809 -6.08 -13.27 28.37
C LYS A 809 -7.53 -13.24 27.87
N TYR A 810 -8.49 -13.13 28.78
CA TYR A 810 -9.90 -13.12 28.37
C TYR A 810 -10.21 -11.89 27.52
N ILE A 811 -9.75 -10.72 27.96
CA ILE A 811 -9.99 -9.51 27.18
C ILE A 811 -9.21 -9.54 25.88
N ASN A 812 -8.02 -10.13 25.89
CA ASN A 812 -7.25 -10.26 24.64
C ASN A 812 -8.02 -11.11 23.63
N TYR A 813 -8.55 -12.24 24.06
CA TYR A 813 -9.33 -13.10 23.17
C TYR A 813 -10.59 -12.39 22.68
N SER A 814 -11.30 -11.72 23.59
CA SER A 814 -12.52 -11.03 23.19
C SER A 814 -12.23 -9.90 22.22
N ALA A 815 -11.14 -9.16 22.42
CA ALA A 815 -10.77 -8.09 21.51
C ALA A 815 -10.38 -8.64 20.15
N SER A 816 -9.69 -9.78 20.11
CA SER A 816 -9.40 -10.42 18.84
C SER A 816 -10.69 -10.82 18.13
N LEU A 817 -11.67 -11.29 18.89
CA LEU A 817 -12.94 -11.70 18.28
C LEU A 817 -13.74 -10.50 17.78
N ILE A 818 -13.68 -9.38 18.49
CA ILE A 818 -14.55 -8.24 18.19
C ILE A 818 -13.91 -7.29 17.18
N CYS A 819 -12.61 -7.06 17.26
CA CYS A 819 -11.92 -6.07 16.43
C CYS A 819 -10.78 -6.73 15.67
N PRO A 820 -11.06 -7.41 14.57
CA PRO A 820 -10.00 -8.00 13.74
C PRO A 820 -9.54 -7.14 12.57
N THR A 821 -9.94 -5.87 12.51
CA THR A 821 -9.74 -5.03 11.34
C THR A 821 -8.78 -3.87 11.60
N LEU A 822 -7.67 -4.14 12.29
CA LEU A 822 -6.53 -3.22 12.46
C LEU A 822 -6.86 -2.00 13.29
N ASN A 823 -8.10 -1.80 13.73
CA ASN A 823 -8.49 -0.65 14.52
C ASN A 823 -9.22 -1.09 15.78
N PHE A 824 -8.90 -0.43 16.89
CA PHE A 824 -9.66 -0.55 18.13
C PHE A 824 -10.33 0.80 18.38
N THR A 825 -11.48 1.01 17.75
CA THR A 825 -12.19 2.26 17.90
C THR A 825 -12.90 2.31 19.25
N THR A 826 -13.22 3.52 19.69
CA THR A 826 -13.78 3.70 21.03
C THR A 826 -15.11 3.00 21.18
N GLY A 827 -15.96 3.06 20.14
CA GLY A 827 -17.26 2.39 20.21
C GLY A 827 -17.16 0.89 20.36
N ASP A 828 -16.13 0.29 19.76
CA ASP A 828 -15.93 -1.15 19.92
C ASP A 828 -15.35 -1.48 21.30
N VAL A 829 -14.49 -0.62 21.82
CA VAL A 829 -13.93 -0.85 23.15
C VAL A 829 -15.00 -0.66 24.22
N ARG A 830 -16.02 0.13 23.94
CA ARG A 830 -17.07 0.40 24.94
C ARG A 830 -17.86 -0.84 25.32
N LYS A 831 -17.77 -1.92 24.54
CA LYS A 831 -18.50 -3.14 24.83
C LYS A 831 -17.62 -4.27 25.34
N PHE A 832 -16.39 -3.97 25.75
CA PHE A 832 -15.55 -4.99 26.37
C PHE A 832 -16.07 -5.32 27.76
N PRO A 833 -16.12 -6.60 28.13
CA PRO A 833 -16.59 -6.96 29.48
C PRO A 833 -15.61 -6.52 30.55
N VAL A 834 -16.14 -6.31 31.75
CA VAL A 834 -15.35 -5.91 32.91
C VAL A 834 -15.79 -6.74 34.11
N ILE A 835 -14.82 -7.16 34.92
CA ILE A 835 -15.05 -8.03 36.07
C ILE A 835 -14.60 -7.31 37.33
N LYS A 836 -15.46 -7.31 38.35
CA LYS A 836 -15.16 -6.64 39.61
C LYS A 836 -14.57 -7.63 40.60
N ASN A 837 -13.43 -7.26 41.20
CA ASN A 837 -12.76 -8.09 42.19
C ASN A 837 -11.83 -7.21 43.01
N ASN A 838 -11.33 -7.76 44.11
CA ASN A 838 -10.52 -7.01 45.07
C ASN A 838 -9.02 -7.23 44.89
N HIS A 839 -8.58 -8.47 44.68
CA HIS A 839 -7.15 -8.74 44.55
C HIS A 839 -6.58 -8.14 43.27
N LEU A 840 -7.42 -7.98 42.25
CA LEU A 840 -6.95 -7.45 40.97
C LEU A 840 -6.37 -6.05 41.12
N GLU A 841 -6.92 -5.26 42.04
CA GLU A 841 -6.42 -3.89 42.22
C GLU A 841 -4.97 -3.87 42.69
N ASP A 842 -4.67 -4.63 43.74
CA ASP A 842 -3.29 -4.66 44.24
C ASP A 842 -2.35 -5.35 43.26
N LEU A 843 -2.82 -6.39 42.56
CA LEU A 843 -1.99 -7.00 41.54
C LEU A 843 -1.65 -6.01 40.43
N ALA A 844 -2.63 -5.21 40.00
CA ALA A 844 -2.38 -4.20 38.99
C ALA A 844 -1.43 -3.12 39.50
N LYS A 845 -1.55 -2.74 40.77
CA LYS A 845 -0.63 -1.75 41.33
C LYS A 845 0.80 -2.27 41.30
N LYS A 846 1.01 -3.53 41.70
CA LYS A 846 2.36 -4.10 41.66
C LYS A 846 2.89 -4.16 40.23
N ALA A 847 2.03 -4.55 39.28
CA ALA A 847 2.46 -4.61 37.88
C ALA A 847 2.84 -3.23 37.37
N ILE A 848 2.07 -2.20 37.74
CA ILE A 848 2.37 -0.84 37.29
C ILE A 848 3.71 -0.38 37.88
N GLU A 849 3.96 -0.69 39.16
CA GLU A 849 5.24 -0.31 39.75
C GLU A 849 6.40 -0.99 39.04
N ILE A 850 6.26 -2.28 38.72
CA ILE A 850 7.34 -2.98 38.02
C ILE A 850 7.56 -2.40 36.64
N SER A 851 6.48 -2.10 35.92
CA SER A 851 6.63 -1.53 34.58
C SER A 851 7.27 -0.16 34.62
N LYS A 852 6.91 0.68 35.61
CA LYS A 852 7.52 1.99 35.73
C LYS A 852 9.01 1.86 36.05
N ALA A 853 9.38 0.92 36.92
CA ALA A 853 10.79 0.72 37.22
C ALA A 853 11.54 0.27 35.98
N ASP A 854 10.93 -0.60 35.17
CA ASP A 854 11.57 -1.02 33.92
C ASP A 854 11.71 0.15 32.94
N TRP A 855 10.72 1.02 32.88
CA TRP A 855 10.75 2.11 31.92
C TRP A 855 11.77 3.18 32.30
N ASN A 856 11.91 3.47 33.61
CA ASN A 856 12.73 4.59 34.04
C ASN A 856 14.22 4.28 34.11
N GLN A 857 14.70 3.21 33.46
CA GLN A 857 16.11 2.85 33.52
C GLN A 857 16.90 3.27 32.29
N PHE A 858 16.30 4.06 31.39
CA PHE A 858 16.98 4.50 30.19
C PHE A 858 16.90 6.02 30.09
N GLU A 859 17.84 6.60 29.34
CA GLU A 859 17.91 8.05 29.18
C GLU A 859 16.72 8.62 28.44
N THR A 860 15.97 7.78 27.71
CA THR A 860 14.86 8.27 26.90
C THR A 860 13.66 8.71 27.72
N SER A 861 13.64 8.42 29.03
CA SER A 861 12.58 8.88 29.90
C SER A 861 13.05 10.09 30.70
N TRP A 862 12.13 11.02 30.95
CA TRP A 862 12.47 12.21 31.69
C TRP A 862 12.54 11.98 33.20
N GLU A 863 12.18 10.79 33.67
CA GLU A 863 12.36 10.40 35.06
C GLU A 863 13.61 9.56 35.26
N PHE A 864 14.48 9.49 34.26
CA PHE A 864 15.76 8.79 34.39
C PHE A 864 16.60 9.45 35.47
N SER A 865 17.28 8.63 36.27
CA SER A 865 18.05 9.11 37.41
C SER A 865 19.55 8.98 37.20
N LYS A 866 20.04 7.76 36.93
CA LYS A 866 21.46 7.54 36.72
C LYS A 866 21.66 6.18 36.07
N ASN A 867 22.86 5.97 35.54
CA ASN A 867 23.18 4.70 34.90
C ASN A 867 23.23 3.59 35.94
N LYS A 868 22.72 2.42 35.55
CA LYS A 868 22.61 1.32 36.50
C LYS A 868 23.95 0.65 36.79
N LEU A 869 24.90 0.71 35.85
CA LEU A 869 26.18 0.04 36.06
C LEU A 869 27.03 0.76 37.10
N ILE A 870 26.95 2.09 37.15
CA ILE A 870 27.87 2.87 37.97
C ILE A 870 27.53 2.83 39.45
N GLU A 871 26.41 2.20 39.83
CA GLU A 871 26.06 2.13 41.25
C GLU A 871 26.84 1.07 42.00
N HIS A 872 27.50 0.15 41.30
CA HIS A 872 28.34 -0.86 41.91
C HIS A 872 29.80 -0.47 41.71
N LYS A 873 30.55 -0.36 42.81
CA LYS A 873 31.91 0.16 42.78
C LYS A 873 32.96 -0.94 42.71
N GLY A 874 32.55 -2.21 42.59
CA GLY A 874 33.51 -3.30 42.60
C GLY A 874 34.26 -3.47 41.30
N ASN A 875 33.55 -3.82 40.23
CA ASN A 875 34.17 -4.11 38.95
C ASN A 875 33.13 -3.96 37.86
N VAL A 876 33.60 -3.80 36.62
CA VAL A 876 32.68 -3.62 35.50
C VAL A 876 31.93 -4.92 35.21
N ALA A 877 32.64 -6.06 35.22
CA ALA A 877 31.98 -7.34 35.03
C ALA A 877 31.00 -7.64 36.16
N TYR A 878 31.41 -7.33 37.39
CA TYR A 878 30.51 -7.51 38.54
C TYR A 878 29.27 -6.64 38.41
N SER A 879 29.47 -5.39 37.97
CA SER A 879 28.33 -4.49 37.77
C SER A 879 27.38 -5.02 36.69
N TYR A 880 27.95 -5.55 35.60
CA TYR A 880 27.11 -6.13 34.55
C TYR A 880 26.33 -7.33 35.05
N ALA A 881 26.97 -8.18 35.86
CA ALA A 881 26.26 -9.32 36.43
C ALA A 881 25.12 -8.89 37.34
N SER A 882 25.37 -7.87 38.18
CA SER A 882 24.31 -7.36 39.04
C SER A 882 23.16 -6.77 38.23
N TYR A 883 23.48 -6.06 37.15
CA TYR A 883 22.45 -5.50 36.28
C TYR A 883 21.59 -6.59 35.67
N CYS A 884 22.22 -7.66 35.19
CA CYS A 884 21.47 -8.79 34.64
C CYS A 884 20.58 -9.44 35.69
N ASN A 885 21.09 -9.59 36.92
CA ASN A 885 20.29 -10.17 37.99
C ASN A 885 19.07 -9.30 38.30
N PHE A 886 19.26 -7.98 38.32
CA PHE A 886 18.14 -7.07 38.57
C PHE A 886 17.07 -7.21 37.49
N GLN A 887 17.48 -7.25 36.22
CA GLN A 887 16.51 -7.42 35.15
C GLN A 887 15.77 -8.75 35.27
N ASP A 888 16.50 -9.82 35.60
CA ASP A 888 15.86 -11.13 35.76
C ASP A 888 14.84 -11.12 36.88
N LYS A 889 15.16 -10.47 37.99
CA LYS A 889 14.21 -10.39 39.10
C LYS A 889 12.94 -9.67 38.68
N LEU A 890 13.08 -8.55 37.97
CA LEU A 890 11.89 -7.84 37.49
C LEU A 890 11.04 -8.74 36.60
N TYR A 891 11.68 -9.45 35.67
CA TYR A 891 10.96 -10.31 34.75
C TYR A 891 10.19 -11.40 35.49
N GLU A 892 10.84 -12.05 36.46
CA GLU A 892 10.19 -13.12 37.20
C GLU A 892 9.01 -12.60 38.01
N GLN A 893 9.17 -11.45 38.66
CA GLN A 893 8.07 -10.89 39.43
C GLN A 893 6.86 -10.60 38.55
N LEU A 894 7.10 -9.98 37.38
CA LEU A 894 5.96 -9.68 36.50
C LEU A 894 5.30 -10.96 36.00
N VAL A 895 6.09 -11.99 35.70
CA VAL A 895 5.51 -13.25 35.24
C VAL A 895 4.59 -13.83 36.31
N ASN A 896 5.05 -13.84 37.57
CA ASN A 896 4.21 -14.37 38.63
C ASN A 896 2.94 -13.57 38.81
N ILE A 897 3.04 -12.24 38.73
CA ILE A 897 1.85 -11.39 38.91
C ILE A 897 0.82 -11.67 37.82
N GLU A 898 1.28 -11.74 36.57
CA GLU A 898 0.35 -11.99 35.48
C GLU A 898 -0.28 -13.38 35.59
N LYS A 899 0.50 -14.37 36.02
CA LYS A 899 -0.06 -15.71 36.21
C LYS A 899 -1.16 -15.69 37.27
N ASN A 900 -0.93 -14.98 38.39
CA ASN A 900 -1.96 -14.90 39.42
C ASN A 900 -3.21 -14.20 38.90
N ILE A 901 -3.04 -13.12 38.12
CA ILE A 901 -4.20 -12.41 37.58
C ILE A 901 -5.01 -13.34 36.67
N ASN A 902 -4.33 -14.08 35.80
CA ASN A 902 -5.03 -14.98 34.89
C ASN A 902 -5.76 -16.09 35.66
N ASN A 903 -5.13 -16.62 36.71
CA ASN A 903 -5.79 -17.65 37.50
C ASN A 903 -7.04 -17.11 38.18
N ILE A 904 -6.96 -15.90 38.74
CA ILE A 904 -8.12 -15.30 39.40
C ILE A 904 -9.24 -15.09 38.40
N ILE A 905 -8.91 -14.59 37.20
CA ILE A 905 -9.95 -14.38 36.19
C ILE A 905 -10.58 -15.71 35.77
N GLU A 906 -9.75 -16.73 35.58
CA GLU A 906 -10.26 -18.01 35.10
C GLU A 906 -11.17 -18.68 36.13
N GLU A 907 -10.81 -18.60 37.42
CA GLU A 907 -11.62 -19.30 38.42
C GLU A 907 -13.00 -18.68 38.61
N ILE A 908 -13.25 -17.48 38.09
CA ILE A 908 -14.56 -16.85 38.20
C ILE A 908 -15.46 -17.24 37.04
N LEU A 909 -14.94 -17.17 35.81
CA LEU A 909 -15.74 -17.54 34.65
C LEU A 909 -16.11 -19.02 34.65
N GLY A 910 -15.17 -19.88 35.03
CA GLY A 910 -15.42 -21.30 35.10
C GLY A 910 -14.89 -22.12 33.94
N PHE A 911 -14.13 -21.52 33.03
CA PHE A 911 -13.56 -22.25 31.91
C PHE A 911 -12.23 -21.63 31.53
N LYS A 912 -11.42 -22.42 30.82
CA LYS A 912 -10.13 -21.97 30.33
C LYS A 912 -10.25 -21.50 28.88
N ILE A 913 -9.34 -20.62 28.48
CA ILE A 913 -9.36 -20.03 27.15
C ILE A 913 -8.08 -20.40 26.42
N GLU A 914 -8.17 -20.42 25.10
CA GLU A 914 -7.02 -20.72 24.25
C GLU A 914 -6.05 -19.55 24.22
N THR A 915 -4.77 -19.86 24.08
CA THR A 915 -3.75 -18.83 23.99
C THR A 915 -3.78 -18.17 22.62
N THR A 916 -3.75 -16.85 22.60
CA THR A 916 -3.75 -16.07 21.37
C THR A 916 -2.37 -15.46 21.14
N GLU A 917 -2.22 -14.80 20.00
CA GLU A 917 -0.95 -14.20 19.63
C GLU A 917 -0.48 -13.22 20.70
N ASN A 918 0.73 -13.46 21.23
CA ASN A 918 1.32 -12.62 22.27
C ASN A 918 0.42 -12.54 23.50
N SER A 919 -0.31 -13.61 23.78
CA SER A 919 -1.19 -13.60 24.96
C SER A 919 -0.38 -13.61 26.25
N GLU A 920 0.75 -14.31 26.27
CA GLU A 920 1.58 -14.43 27.45
C GLU A 920 2.90 -13.65 27.33
N LEU A 921 3.03 -12.80 26.33
CA LEU A 921 4.25 -12.01 26.16
C LEU A 921 4.38 -11.01 27.29
N ILE A 922 5.60 -10.90 27.82
CA ILE A 922 5.92 -9.94 28.88
C ILE A 922 6.57 -8.72 28.21
N THR A 923 5.90 -7.58 28.29
CA THR A 923 6.34 -6.38 27.59
C THR A 923 7.26 -5.56 28.48
N LEU A 924 8.48 -6.07 28.66
CA LEU A 924 9.53 -5.39 29.39
C LEU A 924 10.81 -5.40 28.57
N ASN A 925 11.58 -4.31 28.68
CA ASN A 925 12.90 -4.29 28.08
C ASN A 925 13.87 -5.22 28.80
N SER A 926 13.54 -5.63 30.02
CA SER A 926 14.31 -6.64 30.74
C SER A 926 14.15 -8.03 30.13
N ASN A 927 13.17 -8.22 29.27
CA ASN A 927 12.95 -9.49 28.59
C ASN A 927 13.55 -9.41 27.20
N LYS A 928 14.52 -10.29 26.92
CA LYS A 928 15.20 -10.24 25.63
C LYS A 928 14.28 -10.63 24.48
N ILE A 929 13.31 -11.50 24.73
CA ILE A 929 12.37 -11.89 23.69
C ILE A 929 11.57 -10.68 23.21
N TYR A 930 11.12 -9.85 24.14
CA TYR A 930 10.39 -8.64 23.76
C TYR A 930 11.30 -7.61 23.11
N ARG A 931 12.53 -7.47 23.62
CA ARG A 931 13.40 -6.40 23.15
C ARG A 931 13.95 -6.68 21.76
N TYR A 932 14.42 -7.91 21.52
CA TYR A 932 15.08 -8.25 20.26
C TYR A 932 14.24 -9.16 19.38
N GLY A 933 12.98 -9.38 19.71
CA GLY A 933 12.15 -10.25 18.91
C GLY A 933 12.37 -11.71 19.23
N GLN A 934 11.71 -12.56 18.44
CA GLN A 934 11.76 -14.00 18.63
C GLN A 934 12.67 -14.63 17.58
N SER A 935 13.63 -15.42 18.03
CA SER A 935 14.55 -16.15 17.17
C SER A 935 14.16 -17.62 17.14
N GLU A 936 14.90 -18.40 16.34
CA GLU A 936 14.63 -19.83 16.26
C GLU A 936 14.95 -20.54 17.58
N THR A 937 15.93 -20.04 18.33
CA THR A 937 16.29 -20.60 19.62
C THR A 937 16.50 -19.46 20.60
N ASN A 938 16.49 -19.80 21.88
CA ASN A 938 16.74 -18.82 22.94
C ASN A 938 18.23 -18.76 23.24
N ASP A 939 18.60 -17.89 24.18
CA ASP A 939 19.99 -17.72 24.61
C ASP A 939 20.88 -17.33 23.43
N THR A 940 20.36 -16.49 22.54
CA THR A 940 21.10 -16.06 21.36
C THR A 940 21.29 -14.55 21.29
N PHE A 941 21.04 -13.83 22.38
CA PHE A 941 21.16 -12.38 22.40
C PHE A 941 22.02 -11.89 23.57
N LEU A 942 22.91 -12.75 24.07
CA LEU A 942 23.78 -12.33 25.16
C LEU A 942 24.81 -11.32 24.70
N ASN A 943 25.47 -11.60 23.57
CA ASN A 943 26.48 -10.68 23.06
C ASN A 943 25.88 -9.34 22.68
N ARG A 944 24.71 -9.36 22.03
CA ARG A 944 24.05 -8.11 21.66
C ARG A 944 23.65 -7.32 22.89
N HIS A 945 23.14 -8.00 23.92
CA HIS A 945 22.76 -7.32 25.15
C HIS A 945 23.96 -6.67 25.82
N ARG A 946 25.08 -7.39 25.89
CA ARG A 946 26.29 -6.84 26.49
C ARG A 946 26.79 -5.63 25.71
N SER A 947 26.81 -5.73 24.38
CA SER A 947 27.26 -4.62 23.55
C SER A 947 26.35 -3.41 23.72
N ASP A 948 25.03 -3.62 23.77
CA ASP A 948 24.09 -2.52 23.95
C ASP A 948 24.28 -1.85 25.31
N THR A 949 24.49 -2.65 26.36
CA THR A 949 24.70 -2.08 27.68
C THR A 949 25.95 -1.21 27.71
N ILE A 950 27.04 -1.69 27.09
CA ILE A 950 28.26 -0.90 27.09
C ILE A 950 28.10 0.36 26.24
N SER A 951 27.36 0.26 25.13
CA SER A 951 27.10 1.44 24.31
C SER A 951 26.31 2.48 25.10
N GLU A 952 25.31 2.03 25.88
CA GLU A 952 24.56 2.96 26.72
C GLU A 952 25.45 3.60 27.77
N LEU A 953 26.38 2.83 28.34
CA LEU A 953 27.33 3.42 29.29
C LEU A 953 28.18 4.50 28.63
N ILE A 954 28.65 4.25 27.41
CA ILE A 954 29.45 5.26 26.71
C ILE A 954 28.62 6.50 26.41
N SER A 955 27.35 6.31 26.02
CA SER A 955 26.48 7.45 25.78
C SER A 955 26.27 8.27 27.06
N TYR A 956 26.11 7.60 28.20
CA TYR A 956 25.99 8.30 29.46
C TYR A 956 27.26 9.07 29.79
N SER A 957 28.42 8.50 29.50
CA SER A 957 29.69 9.22 29.71
C SER A 957 29.75 10.47 28.85
N VAL A 958 29.34 10.37 27.58
CA VAL A 958 29.34 11.54 26.71
C VAL A 958 28.38 12.60 27.23
N GLY A 959 27.21 12.17 27.70
CA GLY A 959 26.26 13.12 28.28
C GLY A 959 26.81 13.81 29.51
N CYS A 960 27.56 13.09 30.33
CA CYS A 960 28.22 13.72 31.48
C CYS A 960 29.28 14.72 31.02
N GLN A 961 29.99 14.41 29.93
CA GLN A 961 30.97 15.36 29.40
C GLN A 961 30.28 16.63 28.91
N MET A 962 29.12 16.49 28.26
CA MET A 962 28.40 17.65 27.76
C MET A 962 27.81 18.52 28.85
N GLY A 963 27.67 17.99 30.06
CA GLY A 963 27.00 18.69 31.14
C GLY A 963 25.54 18.39 31.30
N ARG A 964 24.98 17.54 30.44
CA ARG A 964 23.57 17.16 30.57
C ARG A 964 23.32 16.38 31.86
N TYR A 965 24.25 15.50 32.21
CA TYR A 965 24.18 14.73 33.44
C TYR A 965 25.39 15.02 34.31
N SER A 966 25.38 14.48 35.53
CA SER A 966 26.47 14.69 36.46
C SER A 966 26.59 13.49 37.38
N LEU A 967 27.78 13.32 37.96
CA LEU A 967 28.03 12.27 38.94
C LEU A 967 27.76 12.72 40.37
N ASP A 968 27.42 13.99 40.57
CA ASP A 968 27.16 14.53 41.90
C ASP A 968 25.67 14.63 42.23
N ARG A 969 24.83 14.81 41.22
CA ARG A 969 23.39 14.89 41.43
C ARG A 969 22.67 14.08 40.35
N GLU A 970 21.47 13.63 40.68
CA GLU A 970 20.72 12.75 39.81
C GLU A 970 19.75 13.54 38.92
N GLY A 971 19.39 12.93 37.80
CA GLY A 971 18.50 13.55 36.85
C GLY A 971 19.20 14.53 35.93
N LEU A 972 18.39 15.24 35.16
CA LEU A 972 18.91 16.26 34.25
C LEU A 972 19.50 17.42 35.03
N VAL A 973 20.64 17.93 34.56
CA VAL A 973 21.31 19.03 35.23
C VAL A 973 21.10 20.31 34.43
N TYR A 974 21.53 20.33 33.18
CA TYR A 974 21.35 21.50 32.31
C TYR A 974 20.64 21.08 31.03
N ALA A 975 19.43 21.59 30.83
CA ALA A 975 18.69 21.42 29.58
C ALA A 975 17.96 22.70 29.20
N HIS A 976 18.62 23.84 29.39
CA HIS A 976 18.02 25.14 29.08
C HIS A 976 18.39 25.53 27.66
N GLU A 977 18.17 26.79 27.28
CA GLU A 977 18.41 27.27 25.93
C GLU A 977 19.58 28.25 25.88
N GLY A 978 20.38 28.14 24.83
CA GLY A 978 21.37 29.15 24.51
C GLY A 978 22.52 29.29 25.50
N ASN A 979 22.86 28.22 26.21
CA ASN A 979 23.96 28.23 27.17
C ASN A 979 23.78 29.30 28.24
N LYS A 980 22.54 29.61 28.59
CA LYS A 980 22.23 30.62 29.59
C LYS A 980 22.04 29.96 30.94
N GLY A 981 22.77 30.46 31.95
CA GLY A 981 22.72 29.89 33.27
C GLY A 981 23.69 28.76 33.54
N PHE A 982 24.49 28.37 32.56
CA PHE A 982 25.45 27.28 32.76
C PHE A 982 26.59 27.71 33.67
N ALA A 983 27.01 28.97 33.59
CA ALA A 983 28.11 29.44 34.43
C ALA A 983 27.75 29.36 35.90
N GLU A 984 26.50 29.71 36.24
CA GLU A 984 26.07 29.62 37.63
C GLU A 984 26.09 28.17 38.12
N LEU A 985 25.63 27.24 37.29
CA LEU A 985 25.68 25.83 37.66
C LEU A 985 27.10 25.35 37.86
N ALA A 986 28.02 25.76 36.97
CA ALA A 986 29.41 25.36 37.12
C ALA A 986 30.02 25.94 38.38
N ALA A 987 29.68 27.19 38.71
CA ALA A 987 30.22 27.82 39.91
C ALA A 987 29.66 27.20 41.19
N GLU A 988 28.40 26.74 41.15
CA GLU A 988 27.80 26.13 42.33
C GLU A 988 28.50 24.83 42.71
N GLY A 989 29.09 24.14 41.74
CA GLY A 989 29.74 22.88 41.98
C GLY A 989 28.96 21.65 41.57
N ALA A 990 28.13 21.75 40.53
CA ALA A 990 27.34 20.60 40.11
C ALA A 990 28.18 19.54 39.41
N TYR A 991 29.36 19.91 38.90
CA TYR A 991 30.24 18.99 38.20
C TYR A 991 31.58 18.87 38.92
N LYS A 992 31.53 18.80 40.25
CA LYS A 992 32.75 18.79 41.04
C LYS A 992 33.58 17.53 40.77
N THR A 993 32.94 16.37 40.72
CA THR A 993 33.67 15.12 40.55
C THR A 993 34.22 14.99 39.13
N PHE A 994 33.38 15.25 38.13
CA PHE A 994 33.76 15.10 36.72
C PHE A 994 33.40 16.38 35.99
N PRO A 995 34.35 17.29 35.78
CA PRO A 995 34.02 18.59 35.20
C PRO A 995 33.48 18.47 33.78
N ALA A 996 32.58 19.39 33.44
CA ALA A 996 31.99 19.45 32.12
C ALA A 996 32.80 20.37 31.20
N ASP A 997 32.54 20.24 29.90
CA ASP A 997 33.23 21.08 28.92
C ASP A 997 32.85 22.54 29.10
N ASN A 998 33.79 23.43 28.79
CA ASN A 998 33.60 24.85 29.02
C ASN A 998 32.85 25.56 27.91
N ASP A 999 32.67 24.93 26.75
CA ASP A 999 31.95 25.56 25.65
C ASP A 999 30.92 24.68 24.97
N GLY A 1000 30.90 23.37 25.25
CA GLY A 1000 29.94 22.48 24.65
C GLY A 1000 30.33 21.91 23.30
N ILE A 1001 31.59 22.03 22.91
CA ILE A 1001 32.09 21.50 21.64
C ILE A 1001 33.10 20.42 21.98
N LEU A 1002 32.82 19.18 21.56
CA LEU A 1002 33.71 18.05 21.82
C LEU A 1002 34.35 17.60 20.53
N PRO A 1003 35.67 17.75 20.36
CA PRO A 1003 36.34 17.31 19.13
C PRO A 1003 36.43 15.79 19.08
N LEU A 1004 35.88 15.21 18.01
CA LEU A 1004 35.90 13.76 17.81
C LEU A 1004 37.04 13.37 16.87
N MET A 1005 38.26 13.62 17.32
CA MET A 1005 39.45 13.46 16.50
C MET A 1005 39.88 12.00 16.46
N ASP A 1006 41.04 11.75 15.84
CA ASP A 1006 41.66 10.43 15.81
C ASP A 1006 43.05 10.46 16.44
N ASP A 1007 43.24 11.39 17.38
CA ASP A 1007 44.53 11.56 18.06
C ASP A 1007 44.26 12.29 19.37
N GLU A 1008 45.33 12.43 20.17
CA GLU A 1008 45.25 13.10 21.46
C GLU A 1008 45.68 14.56 21.37
N TRP A 1009 45.44 15.21 20.23
CA TRP A 1009 45.88 16.59 20.04
C TRP A 1009 45.15 17.54 20.98
N PHE A 1010 43.84 17.40 21.11
CA PHE A 1010 43.04 18.29 21.93
C PHE A 1010 42.93 17.74 23.36
N GLU A 1011 42.89 18.66 24.33
CA GLU A 1011 42.80 18.26 25.73
C GLU A 1011 41.41 17.72 26.07
N ASP A 1012 40.38 18.14 25.32
CA ASP A 1012 39.02 17.67 25.53
C ASP A 1012 38.64 16.57 24.55
N ASP A 1013 39.60 15.74 24.15
CA ASP A 1013 39.31 14.60 23.29
C ASP A 1013 38.37 13.63 23.99
N VAL A 1014 37.42 13.08 23.23
CA VAL A 1014 36.37 12.26 23.82
C VAL A 1014 36.93 10.98 24.42
N THR A 1015 37.87 10.32 23.71
CA THR A 1015 38.41 9.06 24.20
C THR A 1015 39.16 9.23 25.51
N SER A 1016 39.97 10.28 25.62
CA SER A 1016 40.69 10.52 26.87
C SER A 1016 39.74 10.78 28.03
N ARG A 1017 38.66 11.53 27.76
CA ARG A 1017 37.69 11.79 28.82
C ARG A 1017 36.89 10.55 29.19
N VAL A 1018 36.66 9.65 28.23
CA VAL A 1018 36.02 8.37 28.56
C VAL A 1018 36.93 7.54 29.47
N LYS A 1019 38.23 7.52 29.15
CA LYS A 1019 39.18 6.83 30.03
C LYS A 1019 39.21 7.45 31.42
N GLU A 1020 39.18 8.78 31.49
CA GLU A 1020 39.13 9.47 32.78
C GLU A 1020 37.85 9.14 33.54
N PHE A 1021 36.73 9.05 32.82
CA PHE A 1021 35.46 8.70 33.45
C PHE A 1021 35.51 7.30 34.05
N VAL A 1022 36.05 6.34 33.30
CA VAL A 1022 36.17 4.97 33.80
C VAL A 1022 37.07 4.93 35.02
N ARG A 1023 38.20 5.65 34.97
CA ARG A 1023 39.12 5.68 36.10
C ARG A 1023 38.46 6.31 37.32
N THR A 1024 37.71 7.39 37.13
CA THR A 1024 37.05 8.06 38.25
C THR A 1024 35.99 7.16 38.87
N VAL A 1025 35.22 6.45 38.06
CA VAL A 1025 34.11 5.65 38.59
C VAL A 1025 34.63 4.38 39.26
N TRP A 1026 35.43 3.58 38.56
CA TRP A 1026 35.81 2.27 39.05
C TRP A 1026 37.23 2.21 39.60
N GLY A 1027 37.88 3.36 39.80
CA GLY A 1027 39.17 3.40 40.44
C GLY A 1027 40.34 3.22 39.48
N GLU A 1028 41.53 3.42 40.02
CA GLU A 1028 42.76 3.37 39.24
C GLU A 1028 43.37 1.98 39.16
N GLU A 1029 43.21 1.16 40.20
CA GLU A 1029 43.92 -0.11 40.26
C GLU A 1029 43.52 -1.06 39.13
N HIS A 1030 42.22 -1.13 38.82
CA HIS A 1030 41.71 -2.07 37.83
C HIS A 1030 41.31 -1.39 36.53
N LEU A 1031 41.98 -0.27 36.19
CA LEU A 1031 41.59 0.49 35.00
C LEU A 1031 41.80 -0.31 33.72
N GLN A 1032 42.93 -1.00 33.61
CA GLN A 1032 43.27 -1.68 32.36
C GLN A 1032 42.28 -2.81 32.05
N GLU A 1033 41.93 -3.61 33.04
CA GLU A 1033 40.99 -4.70 32.80
C GLU A 1033 39.60 -4.18 32.51
N ASN A 1034 39.20 -3.06 33.12
CA ASN A 1034 37.93 -2.44 32.79
C ASN A 1034 37.91 -1.98 31.33
N LEU A 1035 38.99 -1.34 30.88
CA LEU A 1035 39.07 -0.91 29.48
C LEU A 1035 39.04 -2.11 28.54
N GLU A 1036 39.74 -3.19 28.89
CA GLU A 1036 39.72 -4.39 28.06
C GLU A 1036 38.32 -4.99 27.97
N PHE A 1037 37.61 -5.05 29.10
CA PHE A 1037 36.25 -5.56 29.11
C PHE A 1037 35.34 -4.71 28.23
N ILE A 1038 35.47 -3.39 28.33
CA ILE A 1038 34.65 -2.50 27.51
C ILE A 1038 34.95 -2.70 26.02
N ALA A 1039 36.23 -2.81 25.67
CA ALA A 1039 36.60 -3.00 24.27
C ALA A 1039 36.08 -4.32 23.72
N GLU A 1040 36.20 -5.39 24.51
CA GLU A 1040 35.71 -6.70 24.06
C GLU A 1040 34.18 -6.67 23.90
N SER A 1041 33.48 -6.05 24.84
CA SER A 1041 32.03 -5.96 24.73
C SER A 1041 31.63 -5.17 23.49
N LEU A 1042 32.33 -4.09 23.19
CA LEU A 1042 32.05 -3.33 21.97
C LEU A 1042 32.30 -4.17 20.73
N CYS A 1043 33.41 -4.92 20.71
CA CYS A 1043 33.72 -5.74 19.55
C CYS A 1043 32.76 -6.92 19.38
N LEU A 1044 32.04 -7.30 20.44
CA LEU A 1044 31.12 -8.43 20.32
C LEU A 1044 30.07 -8.19 19.24
N TYR A 1045 29.37 -7.06 19.29
CA TYR A 1045 28.31 -6.85 18.32
C TYR A 1045 28.38 -5.51 17.60
N ALA A 1046 28.79 -4.44 18.30
CA ALA A 1046 28.67 -3.10 17.74
C ALA A 1046 29.58 -2.92 16.53
N ILE A 1047 30.83 -3.36 16.63
CA ILE A 1047 31.81 -3.21 15.56
C ILE A 1047 32.50 -4.54 15.34
N LYS A 1048 33.04 -4.70 14.13
CA LYS A 1048 33.76 -5.93 13.80
C LYS A 1048 35.09 -5.97 14.55
N PRO A 1049 35.51 -7.14 15.01
CA PRO A 1049 36.82 -7.25 15.66
C PRO A 1049 37.96 -6.97 14.69
N LYS A 1050 39.04 -6.44 15.22
CA LYS A 1050 40.24 -6.16 14.45
C LYS A 1050 41.38 -7.05 14.93
N LYS A 1051 42.33 -7.32 14.03
CA LYS A 1051 43.38 -8.29 14.31
C LYS A 1051 44.21 -7.87 15.52
N GLY A 1052 44.92 -6.75 15.40
CA GLY A 1052 45.73 -6.27 16.51
C GLY A 1052 45.51 -4.82 16.85
N GLU A 1053 44.99 -4.55 18.04
CA GLU A 1053 44.77 -3.19 18.52
C GLU A 1053 44.50 -3.25 20.01
N SER A 1054 44.80 -2.14 20.69
CA SER A 1054 44.60 -2.04 22.12
C SER A 1054 43.16 -1.63 22.42
N ALA A 1055 42.86 -1.45 23.71
CA ALA A 1055 41.51 -1.08 24.12
C ALA A 1055 41.16 0.34 23.65
N LEU A 1056 42.08 1.28 23.84
CA LEU A 1056 41.80 2.67 23.47
C LEU A 1056 41.60 2.81 21.97
N GLU A 1057 42.33 2.03 21.17
CA GLU A 1057 42.11 2.05 19.73
C GLU A 1057 40.70 1.59 19.38
N THR A 1058 40.22 0.54 20.04
CA THR A 1058 38.86 0.08 19.80
C THR A 1058 37.83 1.12 20.22
N ILE A 1059 38.05 1.78 21.36
CA ILE A 1059 37.14 2.82 21.82
C ILE A 1059 37.09 3.95 20.81
N ARG A 1060 38.26 4.39 20.33
CA ARG A 1060 38.31 5.48 19.36
C ARG A 1060 37.65 5.09 18.05
N ARG A 1061 37.85 3.84 17.60
CA ARG A 1061 37.22 3.38 16.37
C ARG A 1061 35.69 3.37 16.52
N TYR A 1062 35.19 2.90 17.67
CA TYR A 1062 33.75 2.94 17.90
C TYR A 1062 33.23 4.36 17.91
N LEU A 1063 33.94 5.27 18.58
CA LEU A 1063 33.48 6.66 18.66
C LEU A 1063 33.45 7.31 17.28
N SER A 1064 34.46 7.05 16.46
CA SER A 1064 34.53 7.67 15.15
C SER A 1064 33.70 6.96 14.09
N THR A 1065 33.21 5.75 14.37
CA THR A 1065 32.49 4.98 13.36
C THR A 1065 31.04 4.71 13.69
N GLN A 1066 30.72 4.34 14.93
CA GLN A 1066 29.41 3.82 15.27
C GLN A 1066 28.59 4.69 16.21
N PHE A 1067 29.21 5.62 16.93
CA PHE A 1067 28.48 6.36 17.97
C PHE A 1067 27.36 7.21 17.38
N TRP A 1068 27.61 7.86 16.25
CA TRP A 1068 26.61 8.76 15.67
C TRP A 1068 25.36 8.01 15.24
N LYS A 1069 25.54 6.85 14.60
CA LYS A 1069 24.39 6.06 14.18
C LYS A 1069 23.61 5.54 15.39
N ASP A 1070 24.32 5.13 16.44
CA ASP A 1070 23.65 4.70 17.65
C ASP A 1070 22.84 5.83 18.28
N HIS A 1071 23.41 7.04 18.30
CA HIS A 1071 22.69 8.18 18.84
C HIS A 1071 21.43 8.49 18.03
N MET A 1072 21.55 8.47 16.70
CA MET A 1072 20.40 8.71 15.84
C MET A 1072 19.32 7.66 16.05
N LYS A 1073 19.73 6.40 16.20
CA LYS A 1073 18.77 5.33 16.45
C LYS A 1073 18.09 5.50 17.81
N MET A 1074 18.86 5.84 18.84
CA MET A 1074 18.30 5.98 20.19
C MET A 1074 17.32 7.14 20.26
N TYR A 1075 17.63 8.26 19.63
CA TYR A 1075 16.76 9.43 19.69
C TYR A 1075 15.83 9.54 18.50
N LYS A 1076 15.82 8.55 17.61
CA LYS A 1076 14.84 8.44 16.53
C LYS A 1076 14.85 9.67 15.61
N LYS A 1077 16.02 9.92 15.03
CA LYS A 1077 16.23 10.98 14.05
C LYS A 1077 15.93 12.37 14.61
N ARG A 1078 16.00 12.53 15.94
CA ARG A 1078 15.86 13.82 16.59
C ARG A 1078 17.03 14.01 17.56
N PRO A 1079 18.23 14.20 17.04
CA PRO A 1079 19.42 14.21 17.90
C PRO A 1079 19.47 15.43 18.80
N ILE A 1080 20.14 15.27 19.94
CA ILE A 1080 20.48 16.39 20.79
C ILE A 1080 21.97 16.71 20.76
N TYR A 1081 22.81 15.80 20.27
CA TYR A 1081 24.22 16.07 20.01
C TYR A 1081 24.40 16.11 18.50
N TRP A 1082 24.63 17.30 17.96
CA TRP A 1082 24.77 17.47 16.52
C TRP A 1082 26.21 17.27 16.09
N LEU A 1083 26.38 16.56 14.98
CA LEU A 1083 27.71 16.21 14.47
C LEU A 1083 28.08 17.13 13.32
N PHE A 1084 29.16 17.89 13.49
CA PHE A 1084 29.74 18.70 12.43
C PHE A 1084 30.93 17.94 11.85
N SER A 1085 30.84 17.59 10.56
CA SER A 1085 31.85 16.77 9.91
C SER A 1085 32.30 17.42 8.62
N SER A 1086 33.59 17.27 8.31
CA SER A 1086 34.14 17.90 7.11
C SER A 1086 33.71 17.16 5.84
N GLY A 1087 33.63 15.84 5.89
CA GLY A 1087 33.23 15.09 4.71
C GLY A 1087 33.59 13.62 4.85
N LYS A 1088 33.83 12.99 3.69
CA LYS A 1088 34.11 11.56 3.67
C LYS A 1088 35.41 11.22 4.38
N GLU A 1089 36.36 12.15 4.43
CA GLU A 1089 37.59 11.98 5.17
C GLU A 1089 37.45 12.68 6.52
N LYS A 1090 37.90 12.01 7.58
CA LYS A 1090 37.74 12.52 8.94
C LYS A 1090 38.79 13.59 9.25
N ALA A 1091 38.82 14.62 8.40
CA ALA A 1091 39.72 15.74 8.63
C ALA A 1091 39.35 16.49 9.90
N PHE A 1092 38.05 16.69 10.12
CA PHE A 1092 37.58 17.35 11.34
C PHE A 1092 36.16 16.90 11.62
N GLU A 1093 35.90 16.49 12.86
CA GLU A 1093 34.56 16.14 13.32
C GLU A 1093 34.41 16.58 14.76
N CYS A 1094 33.22 17.07 15.10
CA CYS A 1094 32.95 17.52 16.45
C CYS A 1094 31.48 17.32 16.79
N LEU A 1095 31.20 17.27 18.09
CA LEU A 1095 29.85 17.16 18.63
C LEU A 1095 29.50 18.43 19.36
N VAL A 1096 28.29 18.94 19.11
CA VAL A 1096 27.79 20.16 19.74
C VAL A 1096 26.50 19.84 20.47
N TYR A 1097 26.43 20.20 21.74
CA TYR A 1097 25.20 20.06 22.51
C TYR A 1097 24.18 21.08 22.02
N LEU A 1098 22.98 20.60 21.68
CA LEU A 1098 21.96 21.48 21.12
C LEU A 1098 21.54 22.55 22.10
N HIS A 1099 21.42 22.19 23.38
CA HIS A 1099 20.94 23.12 24.40
C HIS A 1099 21.97 24.15 24.82
N ARG A 1100 23.22 24.02 24.39
CA ARG A 1100 24.25 25.00 24.70
C ARG A 1100 24.67 25.81 23.48
N TYR A 1101 24.00 25.64 22.35
CA TYR A 1101 24.34 26.38 21.15
C TYR A 1101 23.85 27.82 21.24
N ASN A 1102 24.65 28.75 20.73
CA ASN A 1102 24.25 30.14 20.59
C ASN A 1102 24.89 30.69 19.31
N ASP A 1103 24.66 31.99 19.06
CA ASP A 1103 25.14 32.59 17.82
C ASP A 1103 26.64 32.73 17.76
N ALA A 1104 27.35 32.57 18.87
CA ALA A 1104 28.81 32.65 18.90
C ALA A 1104 29.48 31.29 18.82
N THR A 1105 28.71 30.21 18.63
CA THR A 1105 29.27 28.87 18.65
C THR A 1105 30.14 28.61 17.43
N LEU A 1106 29.67 28.98 16.23
CA LEU A 1106 30.42 28.68 15.02
C LEU A 1106 31.72 29.46 14.96
N SER A 1107 31.71 30.72 15.41
CA SER A 1107 32.93 31.51 15.41
C SER A 1107 33.98 30.89 16.34
N ARG A 1108 33.55 30.45 17.53
CA ARG A 1108 34.48 29.82 18.45
C ARG A 1108 34.98 28.49 17.92
N MET A 1109 34.11 27.73 17.24
CA MET A 1109 34.52 26.48 16.63
C MET A 1109 35.59 26.71 15.57
N ARG A 1110 35.41 27.75 14.75
CA ARG A 1110 36.42 28.05 13.73
C ARG A 1110 37.72 28.54 14.36
N THR A 1111 37.62 29.40 15.37
CA THR A 1111 38.82 30.03 15.92
C THR A 1111 39.64 29.04 16.74
N GLU A 1112 39.00 28.26 17.60
CA GLU A 1112 39.71 27.45 18.57
C GLU A 1112 39.96 26.02 18.12
N TYR A 1113 39.40 25.59 17.01
CA TYR A 1113 39.56 24.19 16.62
C TYR A 1113 40.06 24.01 15.20
N VAL A 1114 39.63 24.85 14.26
CA VAL A 1114 39.93 24.63 12.85
C VAL A 1114 41.25 25.27 12.44
N VAL A 1115 41.48 26.52 12.85
CA VAL A 1115 42.73 27.19 12.47
C VAL A 1115 43.95 26.52 13.08
N PRO A 1116 43.99 26.17 14.38
CA PRO A 1116 45.14 25.41 14.88
C PRO A 1116 45.32 24.07 14.20
N LEU A 1117 44.22 23.41 13.85
CA LEU A 1117 44.33 22.14 13.14
C LEU A 1117 44.95 22.32 11.76
N LEU A 1118 44.56 23.39 11.05
CA LEU A 1118 45.18 23.69 9.77
C LEU A 1118 46.66 23.98 9.92
N ALA A 1119 47.03 24.73 10.97
CA ALA A 1119 48.44 25.00 11.21
C ALA A 1119 49.22 23.72 11.49
N ARG A 1120 48.63 22.82 12.28
CA ARG A 1120 49.29 21.55 12.57
C ARG A 1120 49.45 20.70 11.32
N TYR A 1121 48.40 20.66 10.48
CA TYR A 1121 48.51 19.92 9.22
C TYR A 1121 49.60 20.50 8.33
N GLN A 1122 49.68 21.83 8.23
CA GLN A 1122 50.70 22.45 7.41
C GLN A 1122 52.10 22.12 7.94
N ALA A 1123 52.29 22.18 9.26
CA ALA A 1123 53.59 21.86 9.83
C ALA A 1123 53.95 20.39 9.57
N ASN A 1124 52.99 19.48 9.73
CA ASN A 1124 53.26 18.07 9.48
C ASN A 1124 53.62 17.82 8.02
N ILE A 1125 52.91 18.48 7.10
CA ILE A 1125 53.22 18.32 5.68
C ILE A 1125 54.61 18.87 5.37
N ASP A 1126 54.96 20.01 5.96
CA ASP A 1126 56.29 20.56 5.75
C ASP A 1126 57.38 19.62 6.29
N ARG A 1127 57.10 18.95 7.41
CA ARG A 1127 58.10 18.04 7.98
C ARG A 1127 58.39 16.88 7.04
N LEU A 1128 57.35 16.32 6.42
CA LEU A 1128 57.55 15.15 5.56
C LEU A 1128 58.34 15.49 4.31
N ASN A 1129 58.22 16.71 3.80
CA ASN A 1129 58.93 17.09 2.59
C ASN A 1129 60.45 17.04 2.80
N ASP A 1130 60.91 17.47 3.97
CA ASP A 1130 62.34 17.46 4.25
C ASP A 1130 62.89 16.04 4.28
N GLN A 1131 62.13 15.10 4.85
CA GLN A 1131 62.62 13.74 5.00
C GLN A 1131 62.60 12.94 3.70
N LEU A 1132 61.83 13.38 2.70
CA LEU A 1132 61.75 12.62 1.45
C LEU A 1132 63.08 12.60 0.72
N ASP A 1133 63.78 13.73 0.66
CA ASP A 1133 65.06 13.78 -0.06
C ASP A 1133 66.12 13.00 0.69
N GLU A 1134 66.11 13.04 2.02
CA GLU A 1134 67.12 12.32 2.80
C GLU A 1134 67.00 10.81 2.60
N ALA A 1135 65.77 10.29 2.59
CA ALA A 1135 65.55 8.86 2.46
C ALA A 1135 65.45 8.46 0.99
N SER A 1136 65.51 7.15 0.75
CA SER A 1136 65.42 6.62 -0.60
C SER A 1136 64.98 5.16 -0.52
N GLY A 1137 64.54 4.63 -1.67
CA GLY A 1137 64.11 3.26 -1.72
C GLY A 1137 62.77 3.04 -1.04
N GLY A 1138 62.60 1.84 -0.48
CA GLY A 1138 61.36 1.50 0.19
C GLY A 1138 61.13 2.25 1.48
N GLU A 1139 62.18 2.86 2.05
CA GLU A 1139 62.01 3.64 3.27
C GLU A 1139 61.09 4.83 3.04
N ALA A 1140 61.23 5.51 1.90
CA ALA A 1140 60.45 6.70 1.63
C ALA A 1140 59.07 6.40 1.04
N THR A 1141 58.78 5.14 0.74
CA THR A 1141 57.49 4.81 0.13
C THR A 1141 56.34 5.13 1.08
N ARG A 1142 56.47 4.77 2.36
CA ARG A 1142 55.40 5.05 3.31
C ARG A 1142 55.23 6.55 3.51
N LEU A 1143 56.33 7.31 3.54
CA LEU A 1143 56.23 8.75 3.66
C LEU A 1143 55.50 9.35 2.47
N LYS A 1144 55.83 8.88 1.25
CA LYS A 1144 55.14 9.38 0.07
C LYS A 1144 53.67 9.02 0.07
N ARG A 1145 53.33 7.82 0.54
CA ARG A 1145 51.93 7.41 0.52
C ARG A 1145 51.11 8.09 1.60
N GLU A 1146 51.75 8.50 2.71
CA GLU A 1146 51.03 9.23 3.74
C GLU A 1146 50.97 10.72 3.47
N ARG A 1147 51.92 11.26 2.70
CA ARG A 1147 51.85 12.68 2.34
C ARG A 1147 50.64 12.97 1.49
N ASP A 1148 50.24 12.03 0.62
CA ASP A 1148 49.04 12.22 -0.18
C ASP A 1148 47.80 12.31 0.70
N SER A 1149 47.71 11.44 1.71
CA SER A 1149 46.57 11.50 2.63
C SER A 1149 46.57 12.81 3.41
N LEU A 1150 47.75 13.27 3.83
CA LEU A 1150 47.82 14.56 4.52
C LEU A 1150 47.37 15.70 3.61
N ILE A 1151 47.76 15.66 2.33
CA ILE A 1151 47.36 16.70 1.38
C ILE A 1151 45.85 16.68 1.19
N LYS A 1152 45.26 15.49 1.06
CA LYS A 1152 43.81 15.39 0.90
C LYS A 1152 43.09 15.95 2.12
N LYS A 1153 43.57 15.60 3.32
CA LYS A 1153 42.96 16.14 4.53
C LYS A 1153 43.09 17.65 4.59
N PHE A 1154 44.24 18.18 4.22
CA PHE A 1154 44.44 19.63 4.25
C PHE A 1154 43.50 20.34 3.29
N SER A 1155 43.35 19.82 2.08
CA SER A 1155 42.45 20.45 1.11
C SER A 1155 41.00 20.39 1.58
N GLU A 1156 40.57 19.24 2.10
CA GLU A 1156 39.20 19.12 2.58
C GLU A 1156 38.95 20.06 3.75
N LEU A 1157 39.93 20.17 4.66
CA LEU A 1157 39.77 21.07 5.80
C LEU A 1157 39.74 22.52 5.35
N ARG A 1158 40.51 22.89 4.33
CA ARG A 1158 40.45 24.26 3.83
C ARG A 1158 39.09 24.57 3.23
N SER A 1159 38.53 23.65 2.46
CA SER A 1159 37.19 23.88 1.91
C SER A 1159 36.15 24.00 3.02
N TYR A 1160 36.22 23.12 4.01
CA TYR A 1160 35.29 23.18 5.13
C TYR A 1160 35.45 24.47 5.91
N ASP A 1161 36.69 24.95 6.05
CA ASP A 1161 36.94 26.20 6.75
C ASP A 1161 36.34 27.38 6.01
N ASP A 1162 36.43 27.38 4.68
CA ASP A 1162 35.80 28.45 3.91
C ASP A 1162 34.29 28.46 4.13
N ARG A 1163 33.66 27.27 4.04
CA ARG A 1163 32.22 27.20 4.27
C ARG A 1163 31.85 27.62 5.69
N LEU A 1164 32.66 27.20 6.67
CA LEU A 1164 32.40 27.54 8.06
C LEU A 1164 32.53 29.03 8.30
N ARG A 1165 33.52 29.68 7.68
CA ARG A 1165 33.63 31.13 7.79
C ARG A 1165 32.42 31.82 7.20
N HIS A 1166 31.96 31.36 6.04
CA HIS A 1166 30.78 31.97 5.44
C HIS A 1166 29.57 31.86 6.36
N TYR A 1167 29.35 30.67 6.93
CA TYR A 1167 28.17 30.48 7.77
C TYR A 1167 28.32 31.16 9.13
N ALA A 1168 29.54 31.33 9.62
CA ALA A 1168 29.76 32.01 10.89
C ALA A 1168 29.70 33.52 10.76
N ASP A 1169 29.90 34.07 9.55
CA ASP A 1169 29.74 35.51 9.37
C ASP A 1169 28.31 35.93 9.67
N MET A 1170 27.33 35.16 9.22
CA MET A 1170 25.93 35.42 9.58
C MET A 1170 25.64 34.79 10.94
N ARG A 1171 25.35 35.63 11.92
CA ARG A 1171 25.11 35.16 13.28
C ARG A 1171 23.77 34.43 13.32
N ILE A 1172 23.82 33.11 13.27
CA ILE A 1172 22.61 32.29 13.20
C ILE A 1172 22.13 31.96 14.60
N SER A 1173 20.88 32.30 14.88
CA SER A 1173 20.23 31.96 16.13
C SER A 1173 19.04 31.04 15.84
N ILE A 1174 18.85 30.03 16.69
CA ILE A 1174 17.79 29.05 16.52
C ILE A 1174 16.91 29.04 17.75
N ASP A 1175 15.61 28.84 17.54
CA ASP A 1175 14.66 28.70 18.63
C ASP A 1175 14.29 27.22 18.77
N LEU A 1176 14.45 26.68 19.97
CA LEU A 1176 14.21 25.26 20.18
C LEU A 1176 12.74 24.88 20.00
N ASP A 1177 11.83 25.85 20.08
CA ASP A 1177 10.42 25.56 19.88
C ASP A 1177 10.11 25.17 18.44
N ASP A 1178 10.97 25.52 17.48
CA ASP A 1178 10.73 25.17 16.09
C ASP A 1178 11.00 23.69 15.81
N GLY A 1179 11.78 23.03 16.65
CA GLY A 1179 12.04 21.62 16.49
C GLY A 1179 13.37 21.33 15.81
N VAL A 1180 13.86 20.11 16.01
CA VAL A 1180 15.12 19.70 15.41
C VAL A 1180 14.99 19.59 13.90
N LYS A 1181 13.84 19.13 13.41
CA LYS A 1181 13.66 18.91 11.98
C LYS A 1181 13.81 20.21 11.20
N VAL A 1182 13.23 21.30 11.70
CA VAL A 1182 13.33 22.59 11.01
C VAL A 1182 14.71 23.19 11.19
N ASN A 1183 15.24 23.17 12.41
CA ASN A 1183 16.49 23.84 12.71
C ASN A 1183 17.71 23.13 12.12
N TYR A 1184 17.59 21.84 11.80
CA TYR A 1184 18.74 21.11 11.30
C TYR A 1184 19.07 21.45 9.85
N GLY A 1185 18.17 22.12 9.13
CA GLY A 1185 18.42 22.47 7.75
C GLY A 1185 18.84 23.92 7.55
N LYS A 1186 19.27 24.58 8.62
CA LYS A 1186 19.66 25.98 8.57
C LYS A 1186 21.18 26.16 8.49
N PHE A 1187 21.93 25.08 8.37
CA PHE A 1187 23.39 25.14 8.36
C PHE A 1187 23.99 24.59 7.08
N GLY A 1188 23.19 24.41 6.05
CA GLY A 1188 23.71 23.91 4.79
C GLY A 1188 24.27 22.50 4.93
N ASP A 1189 25.48 22.30 4.43
CA ASP A 1189 26.14 21.00 4.43
C ASP A 1189 27.17 20.86 5.53
N LEU A 1190 27.18 21.78 6.50
CA LEU A 1190 28.11 21.65 7.62
C LEU A 1190 27.78 20.46 8.49
N LEU A 1191 26.51 20.05 8.53
CA LEU A 1191 26.07 18.94 9.34
C LEU A 1191 26.07 17.64 8.53
N ALA A 1192 26.01 16.53 9.25
CA ALA A 1192 26.03 15.20 8.64
C ALA A 1192 24.64 14.62 8.60
N ASP A 1193 24.33 13.92 7.51
CA ASP A 1193 23.04 13.23 7.32
C ASP A 1193 21.87 14.20 7.42
N VAL A 1194 21.97 15.31 6.67
CA VAL A 1194 20.91 16.30 6.67
C VAL A 1194 19.66 15.75 6.02
N LYS A 1195 19.81 14.97 4.95
CA LYS A 1195 18.64 14.44 4.24
C LYS A 1195 17.86 13.45 5.09
N ALA A 1196 18.56 12.62 5.87
CA ALA A 1196 17.89 11.61 6.69
C ALA A 1196 17.07 12.25 7.80
N ILE A 1197 17.46 13.42 8.29
CA ILE A 1197 16.78 14.05 9.41
C ILE A 1197 15.72 15.02 8.90
N THR A 1198 16.13 15.99 8.09
CA THR A 1198 15.19 17.01 7.61
C THR A 1198 14.21 16.43 6.59
N GLY A 1199 14.65 15.47 5.79
CA GLY A 1199 13.81 14.89 4.75
C GLY A 1199 14.12 15.37 3.35
N ASN A 1200 14.95 16.38 3.19
CA ASN A 1200 15.33 16.90 1.88
C ASN A 1200 16.84 17.13 1.84
N ALA A 1201 17.38 17.08 0.62
CA ALA A 1201 18.82 17.19 0.45
C ALA A 1201 19.31 18.58 0.86
N PRO A 1202 20.50 18.69 1.44
CA PRO A 1202 21.02 20.00 1.83
C PRO A 1202 21.34 20.86 0.62
N GLU A 1203 21.23 22.17 0.82
CA GLU A 1203 21.52 23.14 -0.23
C GLU A 1203 23.00 23.51 -0.23
N ALA A 1204 23.42 24.15 -1.32
CA ALA A 1204 24.80 24.58 -1.49
C ALA A 1204 24.84 26.07 -1.79
N ILE A 1205 25.77 26.77 -1.17
CA ILE A 1205 25.93 28.20 -1.38
C ILE A 1205 26.59 28.47 -2.73
#